data_1GQT
#
_entry.id   1GQT
#
_cell.length_a   55.453
_cell.length_b   62.767
_cell.length_c   339.277
_cell.angle_alpha   90.00
_cell.angle_beta   90.00
_cell.angle_gamma   90.00
#
_symmetry.space_group_name_H-M   'P 21 21 21'
#
loop_
_entity.id
_entity.type
_entity.pdbx_description
1 polymer RIBOKINASE
2 non-polymer 'CESIUM ION'
3 non-polymer 'PHOSPHOMETHYLPHOSPHONIC ACID ADENYLATE ESTER'
4 non-polymer alpha-D-ribofuranose
5 water water
#
_entity_poly.entity_id   1
_entity_poly.type   'polypeptide(L)'
_entity_poly.pdbx_seq_one_letter_code
;MQNAGSLVVLGSINADHILNLQSFPTPGETVTGNHYQVAFGGKGANQAVAAGRSGANIAFIACTGDDSIGESVRQQLATD
NIDITPVSVIKGESTGVALIFVNGEGENVIGIHAGANAALSPALVEAQRERIANASALLMQLESPLESVMAAAKIAHQNK
TIVALNPAPARELPDELLALVDIITPNETEAEKLTGIRVENDEDAAKAAQVLHEKGIRTVLITLGSRGVWASVNGEGQRV
PGFRVQAVDTIAAGDTFNGALITALLEEKPLPEAIRFAHAAAAIAVTRKGAQPSVPWREEIDAFLDRQR
;
_entity_poly.pdbx_strand_id   A,B,C,D
#
# COMPACT_ATOMS: atom_id res chain seq x y z
N ALA A 4 -46.38 -31.99 -59.86
CA ALA A 4 -47.26 -32.23 -58.66
C ALA A 4 -47.92 -30.92 -58.24
N GLY A 5 -48.74 -30.99 -57.20
CA GLY A 5 -49.36 -29.79 -56.67
C GLY A 5 -48.42 -28.70 -56.16
N SER A 6 -49.00 -27.55 -55.89
CA SER A 6 -48.29 -26.29 -55.73
C SER A 6 -48.44 -25.93 -54.26
N LEU A 7 -47.35 -25.55 -53.61
CA LEU A 7 -47.30 -25.23 -52.18
C LEU A 7 -46.91 -23.77 -51.95
N VAL A 8 -47.71 -23.06 -51.14
CA VAL A 8 -47.30 -21.77 -50.58
C VAL A 8 -47.05 -21.88 -49.05
N VAL A 9 -45.84 -21.52 -48.65
CA VAL A 9 -45.47 -21.45 -47.24
C VAL A 9 -45.47 -19.98 -46.93
N LEU A 10 -45.88 -19.64 -45.71
CA LEU A 10 -45.97 -18.25 -45.24
C LEU A 10 -45.49 -18.26 -43.81
N GLY A 11 -44.47 -17.48 -43.48
CA GLY A 11 -43.87 -17.60 -42.16
C GLY A 11 -42.64 -16.73 -42.03
N SER A 12 -41.90 -16.95 -40.95
CA SER A 12 -40.79 -16.09 -40.60
C SER A 12 -39.42 -16.48 -41.16
N ILE A 13 -38.52 -15.50 -41.14
CA ILE A 13 -37.13 -15.73 -41.46
C ILE A 13 -36.31 -15.16 -40.31
N ASN A 14 -35.43 -15.98 -39.73
CA ASN A 14 -34.51 -15.48 -38.72
C ASN A 14 -33.06 -15.80 -39.07
N ALA A 15 -32.14 -15.05 -38.48
CA ALA A 15 -30.75 -15.49 -38.32
C ALA A 15 -30.65 -16.08 -36.91
N ASP A 16 -30.25 -17.35 -36.82
CA ASP A 16 -30.13 -18.08 -35.56
C ASP A 16 -28.72 -17.96 -34.99
N HIS A 17 -28.64 -17.54 -33.74
CA HIS A 17 -27.39 -17.64 -33.02
C HIS A 17 -27.50 -18.74 -31.97
N ILE A 18 -26.69 -19.79 -32.11
CA ILE A 18 -26.80 -20.99 -31.28
C ILE A 18 -25.59 -21.30 -30.42
N LEU A 19 -25.83 -21.36 -29.12
CA LEU A 19 -24.76 -21.65 -28.20
C LEU A 19 -25.03 -22.95 -27.42
N ASN A 20 -24.17 -23.95 -27.62
CA ASN A 20 -24.26 -25.17 -26.83
C ASN A 20 -23.62 -25.01 -25.46
N LEU A 21 -24.35 -25.35 -24.40
CA LEU A 21 -23.77 -25.31 -23.07
C LEU A 21 -24.16 -26.52 -22.26
N GLN A 22 -23.62 -26.68 -21.05
CA GLN A 22 -23.93 -27.83 -20.19
C GLN A 22 -25.31 -27.65 -19.60
N SER A 23 -25.48 -26.58 -18.85
CA SER A 23 -26.74 -26.23 -18.22
C SER A 23 -27.16 -24.83 -18.65
N PHE A 24 -28.46 -24.61 -18.81
CA PHE A 24 -29.00 -23.27 -19.01
C PHE A 24 -28.57 -22.40 -17.85
N PRO A 25 -28.14 -21.18 -18.12
CA PRO A 25 -27.89 -20.23 -17.03
C PRO A 25 -29.16 -20.00 -16.21
N THR A 26 -29.02 -19.78 -14.91
CA THR A 26 -30.16 -19.40 -14.08
C THR A 26 -30.03 -17.92 -13.84
N PRO A 27 -31.11 -17.28 -13.37
CA PRO A 27 -31.20 -15.82 -13.35
C PRO A 27 -29.99 -15.19 -12.67
N GLY A 28 -29.40 -14.17 -13.28
CA GLY A 28 -28.15 -13.60 -12.77
C GLY A 28 -26.88 -14.38 -13.08
N GLU A 29 -27.00 -15.54 -13.72
CA GLU A 29 -25.84 -16.41 -13.94
C GLU A 29 -25.16 -16.18 -15.32
N THR A 30 -23.94 -16.70 -15.46
CA THR A 30 -23.23 -16.61 -16.72
C THR A 30 -22.61 -17.96 -16.97
N VAL A 31 -22.86 -18.56 -18.11
CA VAL A 31 -22.24 -19.84 -18.41
C VAL A 31 -21.44 -19.69 -19.69
N THR A 32 -20.39 -20.50 -19.85
CA THR A 32 -19.60 -20.50 -21.06
C THR A 32 -19.97 -21.73 -21.88
N GLY A 33 -20.18 -21.57 -23.18
CA GLY A 33 -20.59 -22.67 -24.05
C GLY A 33 -19.42 -23.36 -24.73
N ASN A 34 -19.67 -24.42 -25.47
CA ASN A 34 -18.61 -25.22 -26.05
C ASN A 34 -18.66 -25.24 -27.57
N HIS A 35 -19.73 -24.73 -28.14
CA HIS A 35 -19.84 -24.60 -29.59
C HIS A 35 -20.81 -23.48 -29.82
N TYR A 36 -20.56 -22.70 -30.86
CA TYR A 36 -21.37 -21.55 -31.21
C TYR A 36 -21.54 -21.59 -32.72
N GLN A 37 -22.75 -21.32 -33.19
CA GLN A 37 -23.00 -21.31 -34.63
C GLN A 37 -24.02 -20.24 -35.01
N VAL A 38 -23.79 -19.65 -36.17
CA VAL A 38 -24.69 -18.67 -36.76
C VAL A 38 -25.24 -19.26 -38.04
N ALA A 39 -26.55 -19.41 -38.11
CA ALA A 39 -27.14 -19.96 -39.32
C ALA A 39 -28.56 -19.44 -39.56
N PHE A 40 -29.06 -19.70 -40.76
CA PHE A 40 -30.39 -19.26 -41.15
C PHE A 40 -31.43 -20.16 -40.46
N GLY A 41 -32.42 -19.54 -39.82
CA GLY A 41 -33.47 -20.24 -39.11
C GLY A 41 -34.81 -19.58 -39.37
N GLY A 42 -35.71 -19.64 -38.40
CA GLY A 42 -37.06 -19.15 -38.63
C GLY A 42 -37.94 -20.30 -39.09
N LYS A 43 -39.04 -20.52 -38.38
CA LYS A 43 -39.94 -21.63 -38.67
C LYS A 43 -40.43 -21.66 -40.12
N GLY A 44 -40.87 -20.52 -40.66
CA GLY A 44 -41.32 -20.49 -42.03
C GLY A 44 -40.23 -20.83 -43.02
N ALA A 45 -39.07 -20.20 -42.87
CA ALA A 45 -37.96 -20.50 -43.75
C ALA A 45 -37.47 -21.94 -43.61
N ASN A 46 -37.46 -22.46 -42.39
CA ASN A 46 -37.01 -23.84 -42.24
C ASN A 46 -37.98 -24.75 -42.95
N GLN A 47 -39.28 -24.47 -42.80
CA GLN A 47 -40.29 -25.31 -43.43
C GLN A 47 -40.27 -25.16 -44.97
N ALA A 48 -39.93 -23.97 -45.44
CA ALA A 48 -39.93 -23.72 -46.87
C ALA A 48 -38.75 -24.50 -47.45
N VAL A 49 -37.63 -24.52 -46.72
CA VAL A 49 -36.44 -25.20 -47.15
C VAL A 49 -36.62 -26.72 -47.11
N ALA A 50 -37.25 -27.24 -46.06
CA ALA A 50 -37.58 -28.66 -46.06
C ALA A 50 -38.45 -29.05 -47.26
N ALA A 51 -39.45 -28.23 -47.59
CA ALA A 51 -40.27 -28.50 -48.77
C ALA A 51 -39.42 -28.44 -50.04
N GLY A 52 -38.69 -27.34 -50.20
CA GLY A 52 -37.92 -27.13 -51.42
C GLY A 52 -36.93 -28.27 -51.66
N ARG A 53 -36.14 -28.58 -50.64
CA ARG A 53 -35.08 -29.54 -50.79
C ARG A 53 -35.71 -30.91 -50.98
N SER A 54 -36.93 -31.10 -50.48
CA SER A 54 -37.63 -32.38 -50.61
C SER A 54 -38.17 -32.56 -52.02
N GLY A 55 -38.25 -31.48 -52.79
CA GLY A 55 -38.72 -31.56 -54.15
C GLY A 55 -40.11 -31.00 -54.44
N ALA A 56 -40.64 -30.19 -53.53
CA ALA A 56 -41.91 -29.51 -53.78
C ALA A 56 -41.86 -28.27 -54.72
N ASN A 57 -42.96 -28.01 -55.40
CA ASN A 57 -43.11 -26.71 -56.07
C ASN A 57 -43.57 -25.71 -55.06
N ILE A 58 -42.65 -24.97 -54.46
CA ILE A 58 -43.05 -24.15 -53.35
C ILE A 58 -42.69 -22.69 -53.55
N ALA A 59 -43.62 -21.82 -53.19
CA ALA A 59 -43.35 -20.40 -53.05
C ALA A 59 -43.50 -19.93 -51.61
N PHE A 60 -42.73 -18.92 -51.24
CA PHE A 60 -42.57 -18.52 -49.82
C PHE A 60 -43.01 -17.07 -49.59
N ILE A 61 -44.07 -16.87 -48.82
CA ILE A 61 -44.43 -15.52 -48.45
C ILE A 61 -43.81 -15.16 -47.11
N ALA A 62 -43.01 -14.10 -47.09
CA ALA A 62 -42.25 -13.70 -45.90
C ALA A 62 -41.60 -12.32 -46.09
N CYS A 63 -40.95 -11.84 -45.03
CA CYS A 63 -40.39 -10.50 -45.04
C CYS A 63 -38.98 -10.56 -44.48
N THR A 64 -38.02 -9.97 -45.16
CA THR A 64 -36.77 -9.70 -44.48
C THR A 64 -36.66 -8.21 -44.24
N GLY A 65 -35.70 -7.82 -43.41
CA GLY A 65 -35.34 -6.42 -43.30
C GLY A 65 -34.42 -5.98 -44.49
N ASP A 66 -34.06 -4.70 -44.48
CA ASP A 66 -33.31 -4.14 -45.59
C ASP A 66 -31.82 -4.17 -45.34
N ASP A 67 -31.37 -5.13 -44.56
CA ASP A 67 -29.98 -5.17 -44.12
C ASP A 67 -29.21 -6.21 -44.91
N SER A 68 -27.94 -6.39 -44.56
CA SER A 68 -27.07 -7.32 -45.28
C SER A 68 -27.47 -8.77 -45.02
N ILE A 69 -27.71 -9.11 -43.77
CA ILE A 69 -28.18 -10.47 -43.48
C ILE A 69 -29.43 -10.80 -44.33
N GLY A 70 -30.36 -9.86 -44.45
CA GLY A 70 -31.57 -10.15 -45.22
C GLY A 70 -31.24 -10.44 -46.66
N GLU A 71 -30.16 -9.80 -47.10
CA GLU A 71 -29.69 -10.02 -48.45
C GLU A 71 -29.16 -11.44 -48.64
N SER A 72 -28.32 -11.86 -47.69
CA SER A 72 -27.72 -13.18 -47.78
C SER A 72 -28.76 -14.28 -47.76
N VAL A 73 -29.72 -14.18 -46.84
CA VAL A 73 -30.76 -15.21 -46.69
C VAL A 73 -31.57 -15.30 -47.98
N ARG A 74 -31.92 -14.17 -48.58
CA ARG A 74 -32.62 -14.30 -49.84
C ARG A 74 -31.85 -15.06 -50.89
N GLN A 75 -30.53 -14.84 -50.98
CA GLN A 75 -29.77 -15.53 -52.03
C GLN A 75 -29.75 -17.02 -51.72
N GLN A 76 -29.65 -17.33 -50.44
CA GLN A 76 -29.58 -18.72 -50.07
C GLN A 76 -30.92 -19.39 -50.38
N LEU A 77 -32.02 -18.73 -50.03
CA LEU A 77 -33.31 -19.36 -50.22
C LEU A 77 -33.50 -19.75 -51.68
N ALA A 78 -32.97 -18.94 -52.59
CA ALA A 78 -33.24 -19.19 -54.00
C ALA A 78 -32.55 -20.46 -54.42
N THR A 79 -31.45 -20.80 -53.77
CA THR A 79 -30.76 -22.02 -54.14
C THR A 79 -31.35 -23.25 -53.48
N ASP A 80 -32.37 -23.04 -52.66
CA ASP A 80 -32.99 -24.18 -51.99
C ASP A 80 -34.28 -24.70 -52.69
N ASN A 81 -34.42 -24.38 -53.98
CA ASN A 81 -35.56 -24.79 -54.79
C ASN A 81 -36.85 -24.08 -54.38
N ILE A 82 -36.75 -22.80 -54.02
CA ILE A 82 -37.88 -22.06 -53.48
C ILE A 82 -38.08 -20.82 -54.34
N ASP A 83 -39.33 -20.51 -54.67
CA ASP A 83 -39.67 -19.29 -55.40
C ASP A 83 -39.85 -18.18 -54.36
N ILE A 84 -38.90 -17.23 -54.34
CA ILE A 84 -38.83 -16.17 -53.33
C ILE A 84 -39.38 -14.84 -53.85
N THR A 85 -40.08 -14.90 -54.99
CA THR A 85 -40.83 -13.79 -55.53
C THR A 85 -41.75 -13.05 -54.54
N PRO A 86 -42.43 -13.77 -53.66
CA PRO A 86 -43.26 -13.13 -52.64
C PRO A 86 -42.54 -12.81 -51.32
N VAL A 87 -41.21 -12.88 -51.34
CA VAL A 87 -40.45 -12.51 -50.16
C VAL A 87 -40.23 -11.01 -50.19
N SER A 88 -40.89 -10.25 -49.30
CA SER A 88 -40.79 -8.78 -49.35
C SER A 88 -39.58 -8.23 -48.59
N VAL A 89 -39.15 -7.00 -48.92
CA VAL A 89 -38.08 -6.31 -48.20
C VAL A 89 -38.60 -5.09 -47.49
N ILE A 90 -38.50 -5.04 -46.17
CA ILE A 90 -39.15 -3.99 -45.44
C ILE A 90 -38.12 -2.91 -45.16
N LYS A 91 -38.31 -1.74 -45.77
CA LYS A 91 -37.41 -0.61 -45.60
C LYS A 91 -37.35 -0.24 -44.12
N GLY A 92 -36.15 0.08 -43.65
CA GLY A 92 -35.96 0.60 -42.32
C GLY A 92 -36.16 -0.43 -41.22
N GLU A 93 -36.16 -1.71 -41.58
CA GLU A 93 -36.46 -2.75 -40.60
C GLU A 93 -35.32 -3.75 -40.60
N SER A 94 -35.10 -4.45 -39.50
CA SER A 94 -34.04 -5.43 -39.47
C SER A 94 -34.60 -6.84 -39.67
N THR A 95 -33.76 -7.76 -40.15
CA THR A 95 -34.17 -9.12 -40.31
C THR A 95 -34.28 -9.78 -38.92
N GLY A 96 -35.31 -10.60 -38.73
CA GLY A 96 -35.48 -11.33 -37.49
C GLY A 96 -34.22 -12.01 -37.01
N VAL A 97 -34.10 -12.16 -35.69
CA VAL A 97 -32.95 -12.81 -35.04
C VAL A 97 -33.48 -13.80 -34.00
N ALA A 98 -32.86 -14.97 -33.86
CA ALA A 98 -33.20 -15.86 -32.76
C ALA A 98 -31.94 -16.09 -31.95
N LEU A 99 -32.07 -16.07 -30.63
CA LEU A 99 -30.94 -16.41 -29.77
C LEU A 99 -31.33 -17.69 -29.04
N ILE A 100 -30.52 -18.73 -29.22
CA ILE A 100 -30.82 -20.10 -28.84
C ILE A 100 -29.71 -20.67 -27.94
N PHE A 101 -30.11 -21.19 -26.80
CA PHE A 101 -29.26 -21.99 -25.93
C PHE A 101 -29.71 -23.43 -26.01
N VAL A 102 -28.76 -24.35 -26.17
CA VAL A 102 -29.02 -25.77 -26.15
C VAL A 102 -28.21 -26.46 -25.05
N ASN A 103 -28.88 -27.19 -24.16
CA ASN A 103 -28.21 -27.81 -23.02
C ASN A 103 -27.65 -29.20 -23.28
N GLY A 104 -27.04 -29.79 -22.27
CA GLY A 104 -26.36 -31.08 -22.41
C GLY A 104 -27.27 -32.22 -22.82
N GLU A 105 -28.56 -32.08 -22.51
CA GLU A 105 -29.57 -33.03 -22.96
C GLU A 105 -30.02 -32.78 -24.39
N GLY A 106 -29.88 -31.56 -24.87
CA GLY A 106 -30.47 -31.29 -26.16
C GLY A 106 -31.72 -30.45 -26.11
N GLU A 107 -32.19 -30.13 -24.91
CA GLU A 107 -33.25 -29.16 -24.74
C GLU A 107 -32.69 -27.80 -25.14
N ASN A 108 -33.56 -26.95 -25.68
CA ASN A 108 -33.21 -25.57 -26.03
C ASN A 108 -34.23 -24.59 -25.48
N VAL A 109 -33.82 -23.36 -25.24
CA VAL A 109 -34.75 -22.27 -25.07
C VAL A 109 -34.41 -21.29 -26.20
N ILE A 110 -35.40 -20.49 -26.59
CA ILE A 110 -35.26 -19.62 -27.73
C ILE A 110 -35.87 -18.26 -27.44
N GLY A 111 -35.04 -17.22 -27.60
CA GLY A 111 -35.50 -15.84 -27.64
C GLY A 111 -35.45 -15.23 -29.03
N ILE A 112 -36.54 -14.57 -29.40
CA ILE A 112 -36.66 -14.06 -30.76
C ILE A 112 -36.89 -12.57 -30.85
N HIS A 113 -36.12 -11.96 -31.74
CA HIS A 113 -36.36 -10.57 -32.10
C HIS A 113 -37.10 -10.61 -33.42
N ALA A 114 -38.34 -10.13 -33.43
CA ALA A 114 -39.22 -10.32 -34.58
C ALA A 114 -38.67 -9.61 -35.81
N GLY A 115 -38.22 -8.37 -35.62
CA GLY A 115 -37.85 -7.51 -36.74
C GLY A 115 -38.89 -7.45 -37.84
N ALA A 116 -38.47 -7.69 -39.07
CA ALA A 116 -39.35 -7.54 -40.21
C ALA A 116 -40.49 -8.59 -40.27
N ASN A 117 -40.38 -9.69 -39.53
CA ASN A 117 -41.42 -10.68 -39.51
C ASN A 117 -42.73 -10.09 -39.00
N ALA A 118 -42.65 -9.13 -38.10
CA ALA A 118 -43.86 -8.46 -37.61
C ALA A 118 -44.50 -7.62 -38.70
N ALA A 119 -43.80 -7.41 -39.81
CA ALA A 119 -44.32 -6.51 -40.85
C ALA A 119 -45.06 -7.30 -41.91
N LEU A 120 -45.27 -8.59 -41.66
CA LEU A 120 -46.02 -9.40 -42.61
C LEU A 120 -47.48 -9.24 -42.28
N SER A 121 -48.17 -8.36 -43.01
CA SER A 121 -49.47 -7.83 -42.58
C SER A 121 -50.58 -8.38 -43.45
N PRO A 122 -51.80 -8.20 -42.99
CA PRO A 122 -52.98 -8.59 -43.78
C PRO A 122 -52.87 -8.01 -45.17
N ALA A 123 -52.26 -6.84 -45.30
CA ALA A 123 -52.22 -6.20 -46.62
C ALA A 123 -51.19 -6.90 -47.50
N LEU A 124 -50.07 -7.36 -46.95
CA LEU A 124 -49.19 -8.23 -47.74
C LEU A 124 -49.83 -9.56 -48.12
N VAL A 125 -50.66 -10.10 -47.24
CA VAL A 125 -51.37 -11.32 -47.57
C VAL A 125 -52.32 -11.05 -48.73
N GLU A 126 -53.05 -9.94 -48.68
CA GLU A 126 -54.08 -9.74 -49.69
C GLU A 126 -53.45 -9.58 -51.07
N ALA A 127 -52.25 -9.01 -51.09
CA ALA A 127 -51.49 -8.88 -52.33
C ALA A 127 -51.14 -10.22 -52.92
N GLN A 128 -51.26 -11.30 -52.14
CA GLN A 128 -50.95 -12.66 -52.61
C GLN A 128 -52.18 -13.54 -52.81
N ARG A 129 -53.35 -12.92 -52.76
CA ARG A 129 -54.62 -13.63 -52.91
C ARG A 129 -54.53 -14.69 -54.02
N GLU A 130 -54.20 -14.22 -55.20
CA GLU A 130 -54.22 -15.06 -56.37
C GLU A 130 -53.30 -16.26 -56.18
N ARG A 131 -52.09 -15.99 -55.69
CA ARG A 131 -51.14 -17.05 -55.43
C ARG A 131 -51.75 -18.11 -54.49
N ILE A 132 -52.42 -17.65 -53.45
CA ILE A 132 -52.93 -18.59 -52.45
C ILE A 132 -54.14 -19.30 -53.04
N ALA A 133 -54.94 -18.58 -53.80
CA ALA A 133 -56.15 -19.17 -54.36
C ALA A 133 -55.86 -20.33 -55.31
N ASN A 134 -54.73 -20.29 -56.01
CA ASN A 134 -54.37 -21.32 -56.98
C ASN A 134 -53.46 -22.41 -56.41
N ALA A 135 -53.03 -22.28 -55.15
CA ALA A 135 -52.06 -23.24 -54.65
C ALA A 135 -52.83 -24.48 -54.29
N SER A 136 -52.19 -25.65 -54.31
CA SER A 136 -52.89 -26.79 -53.77
C SER A 136 -52.86 -26.74 -52.24
N ALA A 137 -51.81 -26.19 -51.64
CA ALA A 137 -51.79 -26.11 -50.20
C ALA A 137 -51.09 -24.90 -49.66
N LEU A 138 -51.45 -24.52 -48.44
CA LEU A 138 -50.89 -23.38 -47.75
C LEU A 138 -50.42 -23.88 -46.39
N LEU A 139 -49.16 -23.63 -46.07
CA LEU A 139 -48.56 -24.12 -44.84
C LEU A 139 -48.04 -22.93 -44.06
N MET A 140 -48.43 -22.82 -42.80
CA MET A 140 -48.05 -21.65 -41.99
C MET A 140 -47.71 -22.06 -40.55
N GLN A 141 -47.07 -21.15 -39.81
CA GLN A 141 -46.76 -21.44 -38.41
C GLN A 141 -47.21 -20.23 -37.64
N LEU A 142 -46.81 -20.11 -36.39
CA LEU A 142 -47.28 -18.96 -35.63
C LEU A 142 -46.19 -17.93 -35.24
N GLU A 143 -45.15 -17.81 -36.05
CA GLU A 143 -44.19 -16.72 -35.81
C GLU A 143 -44.53 -15.52 -36.66
N SER A 144 -45.68 -15.55 -37.33
CA SER A 144 -46.16 -14.39 -38.07
C SER A 144 -47.37 -13.83 -37.32
N PRO A 145 -47.72 -12.59 -37.59
CA PRO A 145 -48.86 -11.95 -36.91
C PRO A 145 -50.12 -12.77 -37.13
N LEU A 146 -50.85 -13.02 -36.05
CA LEU A 146 -51.99 -13.92 -36.13
C LEU A 146 -52.99 -13.41 -37.15
N GLU A 147 -53.16 -12.10 -37.19
CA GLU A 147 -54.15 -11.53 -38.09
C GLU A 147 -53.76 -11.92 -39.51
N SER A 148 -52.46 -12.03 -39.76
CA SER A 148 -52.00 -12.40 -41.10
C SER A 148 -52.23 -13.88 -41.41
N VAL A 149 -52.02 -14.71 -40.40
CA VAL A 149 -52.31 -16.11 -40.58
C VAL A 149 -53.80 -16.27 -40.89
N MET A 150 -54.62 -15.47 -40.23
CA MET A 150 -56.08 -15.60 -40.31
C MET A 150 -56.60 -15.17 -41.67
N ALA A 151 -56.13 -14.01 -42.13
CA ALA A 151 -56.42 -13.55 -43.47
C ALA A 151 -56.05 -14.62 -44.52
N ALA A 152 -54.91 -15.28 -44.38
CA ALA A 152 -54.50 -16.17 -45.47
C ALA A 152 -55.29 -17.48 -45.37
N ALA A 153 -55.57 -17.91 -44.15
CA ALA A 153 -56.42 -19.07 -43.98
C ALA A 153 -57.78 -18.81 -44.61
N LYS A 154 -58.37 -17.63 -44.41
CA LYS A 154 -59.64 -17.34 -45.06
C LYS A 154 -59.58 -17.42 -46.59
N ILE A 155 -58.51 -16.87 -47.19
CA ILE A 155 -58.43 -16.94 -48.63
C ILE A 155 -58.31 -18.37 -49.13
N ALA A 156 -57.45 -19.15 -48.47
CA ALA A 156 -57.31 -20.55 -48.84
C ALA A 156 -58.66 -21.32 -48.77
N HIS A 157 -59.40 -21.09 -47.69
CA HIS A 157 -60.64 -21.78 -47.45
C HIS A 157 -61.65 -21.46 -48.54
N GLN A 158 -61.71 -20.20 -48.95
CA GLN A 158 -62.65 -19.72 -49.97
C GLN A 158 -62.37 -20.49 -51.25
N ASN A 159 -61.15 -20.94 -51.42
CA ASN A 159 -60.64 -21.36 -52.74
C ASN A 159 -60.16 -22.78 -52.72
N LYS A 160 -60.59 -23.51 -51.70
CA LYS A 160 -60.31 -24.92 -51.60
C LYS A 160 -58.78 -25.15 -51.63
N THR A 161 -58.03 -24.26 -51.01
CA THR A 161 -56.62 -24.54 -50.78
C THR A 161 -56.49 -25.24 -49.43
N ILE A 162 -55.76 -26.35 -49.40
CA ILE A 162 -55.51 -27.06 -48.16
C ILE A 162 -54.73 -26.17 -47.19
N VAL A 163 -55.32 -25.90 -46.02
CA VAL A 163 -54.65 -25.15 -44.97
C VAL A 163 -53.88 -26.10 -44.03
N ALA A 164 -52.56 -25.98 -44.00
CA ALA A 164 -51.76 -26.82 -43.11
C ALA A 164 -51.15 -25.91 -42.06
N LEU A 165 -51.49 -26.13 -40.80
CA LEU A 165 -51.04 -25.23 -39.76
C LEU A 165 -50.19 -25.99 -38.76
N ASN A 166 -48.95 -25.54 -38.62
CA ASN A 166 -48.10 -25.96 -37.52
C ASN A 166 -48.14 -24.90 -36.42
N PRO A 167 -48.87 -25.17 -35.34
CA PRO A 167 -49.14 -24.14 -34.33
C PRO A 167 -47.97 -23.99 -33.36
N ALA A 168 -46.85 -23.48 -33.88
CA ALA A 168 -45.66 -23.29 -33.10
C ALA A 168 -45.13 -21.89 -33.46
N PRO A 169 -44.60 -21.16 -32.50
CA PRO A 169 -44.52 -21.58 -31.11
C PRO A 169 -45.87 -21.62 -30.38
N ALA A 170 -45.87 -22.26 -29.22
CA ALA A 170 -47.10 -22.56 -28.51
C ALA A 170 -47.93 -21.34 -28.12
N ARG A 171 -49.23 -21.41 -28.38
CA ARG A 171 -50.14 -20.43 -27.82
C ARG A 171 -51.56 -20.82 -28.11
N GLU A 172 -52.49 -20.09 -27.52
CA GLU A 172 -53.90 -20.40 -27.70
C GLU A 172 -54.37 -19.74 -28.97
N LEU A 173 -55.33 -20.38 -29.64
CA LEU A 173 -55.84 -19.94 -30.93
C LEU A 173 -57.37 -19.97 -30.92
N PRO A 174 -57.97 -19.01 -31.63
CA PRO A 174 -59.44 -18.84 -31.65
C PRO A 174 -60.08 -19.96 -32.45
N ASP A 175 -61.33 -20.31 -32.13
CA ASP A 175 -62.10 -21.27 -32.92
C ASP A 175 -62.18 -20.88 -34.41
N GLU A 176 -62.31 -19.57 -34.63
CA GLU A 176 -62.44 -19.02 -35.96
C GLU A 176 -61.23 -19.48 -36.80
N LEU A 177 -60.03 -19.44 -36.25
CA LEU A 177 -58.89 -19.95 -37.02
C LEU A 177 -58.94 -21.46 -37.19
N LEU A 178 -59.15 -22.18 -36.08
CA LEU A 178 -59.09 -23.64 -36.08
C LEU A 178 -60.11 -24.26 -37.02
N ALA A 179 -61.29 -23.65 -37.12
CA ALA A 179 -62.28 -24.17 -38.05
C ALA A 179 -61.80 -24.11 -39.51
N LEU A 180 -60.80 -23.32 -39.84
CA LEU A 180 -60.42 -23.25 -41.25
C LEU A 180 -59.30 -24.20 -41.63
N VAL A 181 -58.77 -24.93 -40.65
CA VAL A 181 -57.59 -25.73 -40.86
C VAL A 181 -58.04 -27.08 -41.30
N ASP A 182 -57.33 -27.66 -42.28
CA ASP A 182 -57.47 -29.06 -42.66
C ASP A 182 -56.47 -30.04 -42.00
N ILE A 183 -55.20 -29.63 -41.89
CA ILE A 183 -54.18 -30.44 -41.21
C ILE A 183 -53.42 -29.64 -40.16
N ILE A 184 -53.42 -30.10 -38.92
CA ILE A 184 -52.66 -29.44 -37.88
C ILE A 184 -51.60 -30.35 -37.24
N THR A 185 -50.45 -29.78 -36.85
CA THR A 185 -49.31 -30.57 -36.39
C THR A 185 -48.73 -30.12 -35.07
N PRO A 186 -49.51 -30.17 -34.00
CA PRO A 186 -49.01 -29.76 -32.69
C PRO A 186 -48.03 -30.81 -32.18
N ASN A 187 -47.08 -30.34 -31.39
CA ASN A 187 -46.27 -31.21 -30.57
C ASN A 187 -47.09 -31.37 -29.29
N GLU A 188 -46.55 -32.04 -28.28
CA GLU A 188 -47.33 -32.34 -27.08
C GLU A 188 -47.67 -31.08 -26.29
N THR A 189 -46.75 -30.13 -26.19
CA THR A 189 -47.03 -28.89 -25.46
C THR A 189 -48.16 -28.13 -26.13
N GLU A 190 -48.12 -28.08 -27.47
CA GLU A 190 -49.17 -27.34 -28.17
C GLU A 190 -50.52 -27.98 -28.01
N ALA A 191 -50.57 -29.30 -28.18
CA ALA A 191 -51.85 -30.00 -28.10
C ALA A 191 -52.47 -29.68 -26.73
N GLU A 192 -51.65 -29.64 -25.69
CA GLU A 192 -52.15 -29.32 -24.36
C GLU A 192 -52.66 -27.88 -24.36
N LYS A 193 -51.89 -26.98 -24.98
CA LYS A 193 -52.31 -25.58 -24.98
C LYS A 193 -53.59 -25.34 -25.74
N LEU A 194 -53.85 -26.12 -26.79
CA LEU A 194 -55.03 -25.93 -27.64
C LEU A 194 -56.25 -26.72 -27.18
N THR A 195 -56.02 -27.81 -26.45
CA THR A 195 -57.17 -28.63 -26.09
C THR A 195 -57.34 -28.64 -24.59
N GLY A 196 -56.29 -28.31 -23.87
CA GLY A 196 -56.35 -28.41 -22.41
C GLY A 196 -56.25 -29.84 -21.93
N ILE A 197 -55.54 -30.68 -22.68
CA ILE A 197 -55.38 -32.05 -22.26
C ILE A 197 -53.89 -32.35 -22.31
N ARG A 198 -53.38 -32.82 -21.18
CA ARG A 198 -51.95 -33.07 -21.07
C ARG A 198 -51.64 -34.36 -21.80
N VAL A 199 -50.60 -34.40 -22.60
CA VAL A 199 -50.40 -35.55 -23.47
C VAL A 199 -49.24 -36.42 -23.04
N GLU A 200 -49.58 -37.50 -22.33
CA GLU A 200 -48.60 -38.36 -21.67
C GLU A 200 -48.57 -39.75 -22.30
N ASN A 201 -49.57 -40.05 -23.11
CA ASN A 201 -49.61 -41.35 -23.75
C ASN A 201 -50.56 -41.41 -24.95
N ASP A 202 -50.51 -42.52 -25.69
CA ASP A 202 -51.29 -42.62 -26.90
C ASP A 202 -52.77 -42.37 -26.62
N GLU A 203 -53.26 -42.76 -25.46
CA GLU A 203 -54.66 -42.51 -25.16
C GLU A 203 -54.92 -41.02 -24.95
N ASP A 204 -54.00 -40.30 -24.32
CA ASP A 204 -54.11 -38.85 -24.25
C ASP A 204 -54.07 -38.27 -25.67
N ALA A 205 -53.16 -38.77 -26.49
CA ALA A 205 -52.98 -38.20 -27.81
C ALA A 205 -54.33 -38.26 -28.52
N ALA A 206 -55.00 -39.41 -28.41
CA ALA A 206 -56.29 -39.58 -29.09
C ALA A 206 -57.39 -38.69 -28.55
N LYS A 207 -57.30 -38.37 -27.27
CA LYS A 207 -58.23 -37.43 -26.67
C LYS A 207 -57.99 -35.98 -27.14
N ALA A 208 -56.74 -35.51 -27.17
CA ALA A 208 -56.49 -34.15 -27.63
C ALA A 208 -56.90 -34.03 -29.10
N ALA A 209 -56.68 -35.09 -29.85
CA ALA A 209 -57.06 -35.13 -31.24
C ALA A 209 -58.55 -34.96 -31.43
N GLN A 210 -59.31 -35.67 -30.61
CA GLN A 210 -60.76 -35.57 -30.69
C GLN A 210 -61.22 -34.14 -30.47
N VAL A 211 -60.75 -33.47 -29.43
CA VAL A 211 -61.11 -32.05 -29.26
C VAL A 211 -60.73 -31.20 -30.49
N LEU A 212 -59.61 -31.49 -31.14
CA LEU A 212 -59.32 -30.79 -32.38
C LEU A 212 -60.23 -31.18 -33.56
N HIS A 213 -60.65 -32.44 -33.63
CA HIS A 213 -61.56 -32.81 -34.72
C HIS A 213 -62.90 -32.08 -34.54
N GLU A 214 -63.31 -31.85 -33.29
CA GLU A 214 -64.59 -31.21 -33.07
C GLU A 214 -64.50 -29.71 -33.31
N LYS A 215 -63.28 -29.18 -33.37
CA LYS A 215 -63.07 -27.78 -33.72
C LYS A 215 -63.18 -27.58 -35.24
N GLY A 216 -63.24 -28.68 -35.97
CA GLY A 216 -63.41 -28.66 -37.41
C GLY A 216 -62.22 -29.20 -38.15
N ILE A 217 -61.18 -29.63 -37.44
CA ILE A 217 -59.96 -30.11 -38.10
C ILE A 217 -59.95 -31.62 -38.34
N ARG A 218 -59.97 -31.99 -39.61
CA ARG A 218 -60.09 -33.37 -40.03
C ARG A 218 -58.82 -34.20 -39.79
N THR A 219 -57.66 -33.59 -40.02
CA THR A 219 -56.43 -34.36 -39.92
C THR A 219 -55.56 -33.76 -38.84
N VAL A 220 -55.33 -34.55 -37.80
CA VAL A 220 -54.53 -34.12 -36.67
C VAL A 220 -53.30 -35.00 -36.52
N LEU A 221 -52.13 -34.39 -36.53
CA LEU A 221 -50.93 -35.14 -36.22
C LEU A 221 -50.28 -34.55 -34.95
N ILE A 222 -50.18 -35.33 -33.90
CA ILE A 222 -49.47 -34.86 -32.73
C ILE A 222 -48.09 -35.50 -32.68
N THR A 223 -47.04 -34.69 -32.89
CA THR A 223 -45.69 -35.21 -32.83
C THR A 223 -45.33 -35.57 -31.39
N LEU A 224 -44.57 -36.63 -31.25
CA LEU A 224 -44.34 -37.22 -29.94
C LEU A 224 -42.86 -37.38 -29.68
N GLY A 225 -42.07 -36.45 -30.23
CA GLY A 225 -40.62 -36.52 -30.14
C GLY A 225 -40.06 -37.81 -30.72
N SER A 226 -39.25 -38.49 -29.92
CA SER A 226 -38.60 -39.71 -30.37
C SER A 226 -39.62 -40.83 -30.46
N ARG A 227 -40.83 -40.58 -29.96
CA ARG A 227 -41.89 -41.56 -30.13
C ARG A 227 -42.73 -41.41 -31.40
N GLY A 228 -42.27 -40.60 -32.35
CA GLY A 228 -42.88 -40.51 -33.67
C GLY A 228 -44.09 -39.58 -33.73
N VAL A 229 -45.21 -40.07 -34.24
CA VAL A 229 -46.37 -39.21 -34.38
C VAL A 229 -47.69 -39.92 -34.11
N TRP A 230 -48.62 -39.21 -33.49
CA TRP A 230 -50.01 -39.70 -33.42
C TRP A 230 -50.86 -39.10 -34.53
N ALA A 231 -51.19 -39.93 -35.52
CA ALA A 231 -51.92 -39.47 -36.68
C ALA A 231 -53.40 -39.82 -36.59
N SER A 232 -54.26 -38.80 -36.64
CA SER A 232 -55.70 -39.00 -36.57
C SER A 232 -56.55 -38.25 -37.59
N VAL A 233 -57.40 -39.03 -38.26
CA VAL A 233 -58.26 -38.52 -39.30
C VAL A 233 -59.70 -38.72 -38.88
N ASN A 234 -60.33 -37.62 -38.49
CA ASN A 234 -61.65 -37.64 -37.87
C ASN A 234 -61.87 -38.81 -36.91
N GLY A 235 -60.92 -39.01 -36.01
CA GLY A 235 -61.13 -39.90 -34.89
C GLY A 235 -60.51 -41.27 -35.05
N GLU A 236 -59.96 -41.58 -36.21
CA GLU A 236 -59.35 -42.88 -36.40
C GLU A 236 -57.88 -42.60 -36.33
N GLY A 237 -57.21 -43.19 -35.35
CA GLY A 237 -55.88 -42.76 -35.03
C GLY A 237 -54.98 -43.93 -34.75
N GLN A 238 -53.70 -43.74 -35.03
CA GLN A 238 -52.69 -44.72 -34.69
C GLN A 238 -51.33 -44.02 -34.60
N ARG A 239 -50.40 -44.62 -33.87
CA ARG A 239 -49.06 -44.07 -33.71
C ARG A 239 -48.19 -44.52 -34.88
N VAL A 240 -47.48 -43.58 -35.49
CA VAL A 240 -46.47 -43.97 -36.46
C VAL A 240 -45.09 -43.70 -35.86
N PRO A 241 -44.40 -44.74 -35.43
CA PRO A 241 -43.11 -44.57 -34.76
C PRO A 241 -42.13 -43.92 -35.73
N GLY A 242 -41.21 -43.12 -35.20
CA GLY A 242 -40.21 -42.51 -36.06
C GLY A 242 -39.09 -43.50 -36.20
N PHE A 243 -38.07 -43.13 -36.96
CA PHE A 243 -36.88 -43.96 -37.09
C PHE A 243 -35.95 -43.77 -35.90
N ARG A 244 -35.16 -44.78 -35.60
CA ARG A 244 -34.21 -44.69 -34.50
C ARG A 244 -32.81 -44.30 -34.98
N VAL A 245 -32.32 -43.17 -34.48
CA VAL A 245 -31.04 -42.65 -34.89
C VAL A 245 -30.28 -42.07 -33.69
N GLN A 246 -29.02 -41.79 -33.90
CA GLN A 246 -28.21 -41.18 -32.86
C GLN A 246 -28.45 -39.68 -32.96
N ALA A 247 -29.43 -39.18 -32.23
CA ALA A 247 -29.77 -37.77 -32.32
C ALA A 247 -28.58 -36.91 -31.92
N VAL A 248 -28.54 -35.69 -32.44
CA VAL A 248 -27.43 -34.80 -32.19
C VAL A 248 -27.92 -33.36 -32.03
N ASP A 249 -28.81 -32.92 -32.91
CA ASP A 249 -29.39 -31.59 -32.75
C ASP A 249 -30.88 -31.59 -33.12
N THR A 250 -31.78 -31.31 -32.18
CA THR A 250 -33.23 -31.39 -32.45
C THR A 250 -33.90 -30.11 -32.95
N ILE A 251 -33.21 -28.97 -32.90
CA ILE A 251 -33.82 -27.77 -33.44
C ILE A 251 -34.31 -28.08 -34.85
N ALA A 252 -35.47 -27.56 -35.21
CA ALA A 252 -36.05 -27.73 -36.54
C ALA A 252 -36.39 -29.14 -36.99
N ALA A 253 -36.42 -30.10 -36.08
CA ALA A 253 -36.88 -31.43 -36.46
C ALA A 253 -38.34 -31.36 -36.91
N GLY A 254 -39.15 -30.64 -36.16
CA GLY A 254 -40.56 -30.51 -36.48
C GLY A 254 -40.76 -29.71 -37.76
N ASP A 255 -39.88 -28.74 -37.99
CA ASP A 255 -39.94 -27.93 -39.19
C ASP A 255 -39.66 -28.89 -40.33
N THR A 256 -38.72 -29.80 -40.13
CA THR A 256 -38.28 -30.57 -41.27
C THR A 256 -39.41 -31.48 -41.62
N PHE A 257 -40.07 -31.91 -40.55
CA PHE A 257 -41.09 -32.91 -40.66
C PHE A 257 -42.28 -32.33 -41.39
N ASN A 258 -42.69 -31.13 -41.00
CA ASN A 258 -43.80 -30.47 -41.67
C ASN A 258 -43.53 -30.23 -43.16
N GLY A 259 -42.33 -29.81 -43.52
CA GLY A 259 -42.07 -29.40 -44.88
C GLY A 259 -42.14 -30.60 -45.80
N ALA A 260 -41.55 -31.67 -45.29
CA ALA A 260 -41.47 -32.92 -46.03
C ALA A 260 -42.80 -33.69 -46.02
N LEU A 261 -43.55 -33.63 -44.92
CA LEU A 261 -44.92 -34.12 -44.95
C LEU A 261 -45.73 -33.53 -46.13
N ILE A 262 -45.86 -32.21 -46.17
CA ILE A 262 -46.64 -31.59 -47.24
C ILE A 262 -46.11 -31.95 -48.61
N THR A 263 -44.80 -32.02 -48.78
CA THR A 263 -44.23 -32.42 -50.07
C THR A 263 -44.74 -33.78 -50.50
N ALA A 264 -44.64 -34.76 -49.60
CA ALA A 264 -45.16 -36.08 -49.88
C ALA A 264 -46.67 -36.07 -50.16
N LEU A 265 -47.44 -35.31 -49.40
CA LEU A 265 -48.89 -35.34 -49.61
C LEU A 265 -49.26 -34.82 -50.97
N LEU A 266 -48.56 -33.78 -51.42
CA LEU A 266 -48.91 -33.21 -52.69
C LEU A 266 -48.44 -34.12 -53.86
N GLU A 267 -47.67 -35.18 -53.56
CA GLU A 267 -47.28 -36.15 -54.57
C GLU A 267 -48.33 -37.26 -54.54
N GLU A 268 -49.40 -37.03 -53.77
CA GLU A 268 -50.49 -38.02 -53.69
C GLU A 268 -50.06 -39.30 -52.98
N LYS A 269 -48.94 -39.28 -52.28
CA LYS A 269 -48.68 -40.39 -51.38
C LYS A 269 -49.75 -40.38 -50.28
N PRO A 270 -50.27 -41.55 -49.89
CA PRO A 270 -51.21 -41.61 -48.77
C PRO A 270 -50.53 -41.25 -47.43
N LEU A 271 -51.31 -40.79 -46.47
CA LEU A 271 -50.79 -40.28 -45.21
C LEU A 271 -49.62 -41.06 -44.62
N PRO A 272 -49.80 -42.36 -44.45
CA PRO A 272 -48.75 -43.21 -43.87
C PRO A 272 -47.47 -43.22 -44.68
N GLU A 273 -47.54 -43.34 -46.00
CA GLU A 273 -46.32 -43.21 -46.76
C GLU A 273 -45.74 -41.81 -46.53
N ALA A 274 -46.62 -40.80 -46.46
CA ALA A 274 -46.13 -39.43 -46.30
C ALA A 274 -45.50 -39.22 -44.93
N ILE A 275 -46.12 -39.73 -43.89
CA ILE A 275 -45.47 -39.64 -42.57
C ILE A 275 -44.15 -40.39 -42.57
N ARG A 276 -44.07 -41.50 -43.31
CA ARG A 276 -42.82 -42.20 -43.40
C ARG A 276 -41.78 -41.31 -44.08
N PHE A 277 -42.15 -40.69 -45.18
CA PHE A 277 -41.23 -39.81 -45.85
C PHE A 277 -40.70 -38.74 -44.89
N ALA A 278 -41.62 -38.23 -44.07
CA ALA A 278 -41.35 -37.06 -43.28
C ALA A 278 -40.44 -37.47 -42.12
N HIS A 279 -40.71 -38.65 -41.54
CA HIS A 279 -40.02 -39.13 -40.36
C HIS A 279 -38.58 -39.34 -40.80
N ALA A 280 -38.43 -39.84 -42.02
CA ALA A 280 -37.10 -40.05 -42.53
C ALA A 280 -36.39 -38.70 -42.59
N ALA A 281 -37.09 -37.67 -43.06
CA ALA A 281 -36.38 -36.43 -43.34
C ALA A 281 -35.94 -35.81 -42.02
N ALA A 282 -36.80 -35.92 -41.04
CA ALA A 282 -36.49 -35.34 -39.76
C ALA A 282 -35.31 -36.10 -39.12
N ALA A 283 -35.31 -37.42 -39.27
CA ALA A 283 -34.26 -38.22 -38.64
C ALA A 283 -32.89 -37.84 -39.17
N ILE A 284 -32.78 -37.58 -40.47
CA ILE A 284 -31.50 -37.09 -40.98
C ILE A 284 -31.21 -35.75 -40.32
N ALA A 285 -32.22 -34.92 -40.22
CA ALA A 285 -32.07 -33.58 -39.67
C ALA A 285 -31.53 -33.58 -38.24
N VAL A 286 -31.96 -34.55 -37.44
CA VAL A 286 -31.49 -34.58 -36.06
C VAL A 286 -30.05 -35.10 -35.92
N THR A 287 -29.41 -35.50 -37.01
CA THR A 287 -28.00 -35.93 -36.94
C THR A 287 -27.13 -34.80 -37.46
N ARG A 288 -27.74 -33.69 -37.85
CA ARG A 288 -26.95 -32.56 -38.28
C ARG A 288 -27.20 -31.32 -37.40
N LYS A 289 -26.21 -30.43 -37.49
CA LYS A 289 -26.14 -29.21 -36.70
C LYS A 289 -26.84 -28.02 -37.32
N GLY A 290 -27.57 -27.30 -36.48
CA GLY A 290 -28.23 -26.08 -36.89
C GLY A 290 -29.60 -26.40 -37.43
N ALA A 291 -30.29 -25.38 -37.90
CA ALA A 291 -31.63 -25.55 -38.46
C ALA A 291 -31.51 -25.78 -39.97
N GLN A 292 -31.36 -24.72 -40.76
CA GLN A 292 -31.36 -24.90 -42.21
C GLN A 292 -30.24 -25.74 -42.80
N PRO A 293 -29.05 -25.70 -42.20
CA PRO A 293 -27.97 -26.55 -42.70
C PRO A 293 -28.28 -28.03 -42.48
N SER A 294 -29.16 -28.32 -41.52
CA SER A 294 -29.49 -29.70 -41.22
C SER A 294 -30.54 -30.34 -42.13
N VAL A 295 -31.11 -29.57 -43.06
CA VAL A 295 -32.32 -30.02 -43.73
C VAL A 295 -31.95 -30.86 -44.96
N PRO A 296 -32.40 -32.11 -45.01
CA PRO A 296 -31.96 -33.02 -46.08
C PRO A 296 -32.54 -32.74 -47.45
N TRP A 297 -31.77 -33.14 -48.45
CA TRP A 297 -32.23 -33.17 -49.83
C TRP A 297 -32.98 -34.46 -50.16
N ARG A 298 -33.82 -34.34 -51.18
CA ARG A 298 -34.68 -35.42 -51.61
C ARG A 298 -33.85 -36.69 -51.82
N GLU A 299 -32.81 -36.56 -52.65
CA GLU A 299 -31.94 -37.69 -52.92
C GLU A 299 -31.48 -38.32 -51.60
N GLU A 300 -31.07 -37.51 -50.62
CA GLU A 300 -30.70 -38.06 -49.32
C GLU A 300 -31.87 -38.75 -48.63
N ILE A 301 -33.06 -38.16 -48.68
CA ILE A 301 -34.19 -38.80 -48.03
C ILE A 301 -34.51 -40.11 -48.74
N ASP A 302 -34.52 -40.08 -50.08
CA ASP A 302 -34.72 -41.32 -50.85
C ASP A 302 -33.57 -42.32 -50.56
N ALA A 303 -32.31 -41.89 -50.50
CA ALA A 303 -31.30 -42.89 -50.17
C ALA A 303 -31.48 -43.50 -48.77
N PHE A 304 -31.97 -42.71 -47.81
CA PHE A 304 -32.19 -43.22 -46.46
C PHE A 304 -33.27 -44.29 -46.48
N LEU A 305 -34.35 -44.06 -47.22
CA LEU A 305 -35.45 -45.00 -47.18
C LEU A 305 -35.08 -46.34 -47.82
N ASP A 306 -34.30 -46.28 -48.89
CA ASP A 306 -33.82 -47.50 -49.53
C ASP A 306 -32.98 -48.31 -48.56
N ARG A 307 -32.08 -47.64 -47.84
CA ARG A 307 -31.30 -48.30 -46.80
C ARG A 307 -32.17 -48.91 -45.69
N GLN A 308 -33.48 -48.73 -45.76
CA GLN A 308 -34.36 -49.26 -44.71
C GLN A 308 -35.20 -50.44 -45.20
N GLN B 2 1.47 14.87 -13.06
CA GLN B 2 0.40 14.90 -12.03
C GLN B 2 -0.55 13.76 -12.33
N ASN B 3 -0.40 13.18 -13.51
CA ASN B 3 -1.05 11.91 -13.82
C ASN B 3 -0.96 10.96 -12.62
N ALA B 4 -2.09 10.36 -12.27
CA ALA B 4 -2.12 9.29 -11.28
C ALA B 4 -1.23 8.11 -11.71
N GLY B 5 -0.99 7.17 -10.80
CA GLY B 5 -0.34 5.92 -11.18
C GLY B 5 -1.07 5.16 -12.28
N SER B 6 -0.29 4.41 -13.05
CA SER B 6 -0.84 3.70 -14.17
C SER B 6 -1.63 2.44 -13.73
N LEU B 7 -2.72 2.19 -14.44
CA LEU B 7 -3.64 1.11 -14.21
C LEU B 7 -3.51 0.11 -15.37
N VAL B 8 -3.45 -1.17 -15.04
CA VAL B 8 -3.53 -2.17 -16.09
C VAL B 8 -4.78 -3.01 -15.88
N VAL B 9 -5.56 -3.16 -16.95
CA VAL B 9 -6.72 -4.00 -16.96
C VAL B 9 -6.45 -5.18 -17.86
N LEU B 10 -6.66 -6.37 -17.31
CA LEU B 10 -6.53 -7.58 -18.08
C LEU B 10 -7.85 -8.29 -18.02
N GLY B 11 -8.41 -8.66 -19.18
CA GLY B 11 -9.64 -9.44 -19.25
C GLY B 11 -10.25 -9.48 -20.65
N SER B 12 -11.55 -9.76 -20.70
CA SER B 12 -12.21 -10.24 -21.91
C SER B 12 -12.85 -9.14 -22.74
N ILE B 13 -13.19 -9.48 -23.97
CA ILE B 13 -13.88 -8.57 -24.89
C ILE B 13 -14.95 -9.33 -25.64
N ASN B 14 -16.17 -8.82 -25.67
CA ASN B 14 -17.25 -9.56 -26.36
C ASN B 14 -18.04 -8.60 -27.23
N ALA B 15 -18.75 -9.17 -28.20
CA ALA B 15 -19.90 -8.55 -28.80
C ALA B 15 -21.15 -9.10 -28.10
N ASP B 16 -21.97 -8.20 -27.58
CA ASP B 16 -23.14 -8.53 -26.78
C ASP B 16 -24.36 -8.56 -27.70
N HIS B 17 -25.14 -9.63 -27.62
CA HIS B 17 -26.42 -9.66 -28.33
C HIS B 17 -27.47 -9.67 -27.25
N ILE B 18 -28.26 -8.60 -27.15
CA ILE B 18 -29.13 -8.39 -25.99
C ILE B 18 -30.58 -8.28 -26.40
N LEU B 19 -31.40 -9.14 -25.80
CA LEU B 19 -32.81 -9.20 -26.13
C LEU B 19 -33.62 -8.93 -24.87
N ASN B 20 -34.32 -7.82 -24.82
CA ASN B 20 -35.27 -7.61 -23.70
C ASN B 20 -36.57 -8.35 -23.97
N LEU B 21 -37.04 -9.02 -22.93
CA LEU B 21 -38.32 -9.69 -22.98
C LEU B 21 -38.95 -9.68 -21.59
N GLN B 22 -40.13 -10.28 -21.50
CA GLN B 22 -40.94 -10.18 -20.30
C GLN B 22 -40.45 -11.19 -19.27
N SER B 23 -40.44 -12.45 -19.70
CA SER B 23 -40.01 -13.58 -18.87
C SER B 23 -38.99 -14.41 -19.63
N PHE B 24 -37.95 -14.83 -18.91
CA PHE B 24 -36.96 -15.73 -19.47
C PHE B 24 -37.71 -16.91 -20.06
N PRO B 25 -37.26 -17.35 -21.21
CA PRO B 25 -37.77 -18.57 -21.83
C PRO B 25 -37.64 -19.74 -20.86
N THR B 26 -38.68 -20.55 -20.84
CA THR B 26 -38.70 -21.79 -20.09
C THR B 26 -38.29 -22.93 -21.01
N PRO B 27 -37.85 -24.04 -20.44
CA PRO B 27 -37.32 -25.13 -21.27
C PRO B 27 -38.33 -25.46 -22.37
N GLY B 28 -37.83 -25.80 -23.55
CA GLY B 28 -38.67 -26.01 -24.71
C GLY B 28 -39.51 -24.81 -25.10
N GLU B 29 -39.40 -23.69 -24.38
CA GLU B 29 -40.22 -22.52 -24.69
C GLU B 29 -39.55 -21.60 -25.73
N THR B 30 -40.38 -20.84 -26.46
CA THR B 30 -39.90 -19.82 -27.37
C THR B 30 -40.60 -18.52 -27.03
N VAL B 31 -39.86 -17.47 -26.67
CA VAL B 31 -40.46 -16.17 -26.45
C VAL B 31 -39.95 -15.07 -27.37
N THR B 32 -40.84 -14.15 -27.71
CA THR B 32 -40.53 -12.99 -28.49
C THR B 32 -40.25 -11.80 -27.58
N GLY B 33 -39.14 -11.12 -27.81
CA GLY B 33 -38.77 -9.96 -27.02
C GLY B 33 -39.30 -8.65 -27.55
N ASN B 34 -39.05 -7.55 -26.83
CA ASN B 34 -39.58 -6.26 -27.24
C ASN B 34 -38.46 -5.36 -27.71
N HIS B 35 -37.21 -5.73 -27.43
CA HIS B 35 -36.06 -4.94 -27.89
C HIS B 35 -34.81 -5.77 -28.09
N TYR B 36 -34.07 -5.45 -29.14
CA TYR B 36 -32.84 -6.16 -29.44
C TYR B 36 -31.70 -5.16 -29.69
N GLN B 37 -30.49 -5.51 -29.27
CA GLN B 37 -29.38 -4.59 -29.44
C GLN B 37 -28.05 -5.33 -29.55
N VAL B 38 -27.22 -4.95 -30.52
CA VAL B 38 -25.84 -5.44 -30.53
C VAL B 38 -24.89 -4.33 -30.06
N ALA B 39 -24.08 -4.64 -29.06
CA ALA B 39 -23.15 -3.67 -28.47
C ALA B 39 -21.85 -4.32 -28.00
N PHE B 40 -20.87 -3.48 -27.68
CA PHE B 40 -19.59 -3.93 -27.24
C PHE B 40 -19.73 -4.27 -25.79
N GLY B 41 -19.11 -5.37 -25.40
CA GLY B 41 -19.17 -5.75 -24.01
C GLY B 41 -17.95 -6.55 -23.62
N GLY B 42 -18.16 -7.44 -22.66
CA GLY B 42 -17.05 -8.11 -22.04
C GLY B 42 -16.61 -7.40 -20.79
N LYS B 43 -16.48 -8.17 -19.72
CA LYS B 43 -16.19 -7.63 -18.41
C LYS B 43 -14.91 -6.82 -18.39
N GLY B 44 -13.87 -7.31 -19.08
CA GLY B 44 -12.60 -6.61 -19.11
C GLY B 44 -12.69 -5.30 -19.89
N ALA B 45 -13.33 -5.36 -21.05
CA ALA B 45 -13.54 -4.19 -21.87
C ALA B 45 -14.43 -3.20 -21.15
N ASN B 46 -15.51 -3.66 -20.53
CA ASN B 46 -16.37 -2.73 -19.80
C ASN B 46 -15.59 -2.00 -18.72
N GLN B 47 -14.80 -2.75 -17.97
CA GLN B 47 -14.06 -2.14 -16.90
C GLN B 47 -12.99 -1.20 -17.43
N ALA B 48 -12.35 -1.59 -18.53
CA ALA B 48 -11.33 -0.74 -19.15
C ALA B 48 -11.96 0.57 -19.62
N VAL B 49 -13.17 0.50 -20.17
CA VAL B 49 -13.83 1.69 -20.64
C VAL B 49 -14.31 2.53 -19.46
N ALA B 50 -14.80 1.92 -18.39
CA ALA B 50 -15.24 2.73 -17.25
C ALA B 50 -14.03 3.46 -16.66
N ALA B 51 -12.88 2.78 -16.60
CA ALA B 51 -11.70 3.41 -16.02
C ALA B 51 -11.26 4.54 -16.94
N GLY B 52 -11.20 4.28 -18.24
CA GLY B 52 -10.75 5.29 -19.19
C GLY B 52 -11.65 6.51 -19.22
N ARG B 53 -12.95 6.30 -19.35
CA ARG B 53 -13.87 7.45 -19.49
C ARG B 53 -13.83 8.25 -18.19
N SER B 54 -13.60 7.52 -17.10
CA SER B 54 -13.64 8.08 -15.77
C SER B 54 -12.35 8.84 -15.47
N GLY B 55 -11.34 8.68 -16.30
CA GLY B 55 -10.10 9.43 -16.18
C GLY B 55 -8.80 8.73 -15.82
N ALA B 56 -8.83 7.41 -15.68
CA ALA B 56 -7.59 6.72 -15.35
C ALA B 56 -6.52 6.86 -16.44
N ASN B 57 -5.28 6.55 -16.10
CA ASN B 57 -4.25 6.27 -17.12
C ASN B 57 -4.13 4.78 -17.28
N ILE B 58 -4.83 4.25 -18.27
CA ILE B 58 -5.06 2.82 -18.29
C ILE B 58 -4.67 2.18 -19.61
N ALA B 59 -4.09 0.99 -19.48
CA ALA B 59 -3.74 0.11 -20.59
C ALA B 59 -4.47 -1.22 -20.38
N PHE B 60 -4.88 -1.83 -21.49
CA PHE B 60 -5.79 -2.98 -21.50
C PHE B 60 -5.06 -4.19 -22.11
N ILE B 61 -4.88 -5.25 -21.32
CA ILE B 61 -4.34 -6.50 -21.85
C ILE B 61 -5.48 -7.47 -22.20
N ALA B 62 -5.57 -7.84 -23.48
CA ALA B 62 -6.73 -8.56 -23.99
C ALA B 62 -6.48 -9.09 -25.39
N CYS B 63 -7.40 -9.95 -25.86
CA CYS B 63 -7.33 -10.59 -27.16
C CYS B 63 -8.65 -10.47 -27.89
N THR B 64 -8.63 -9.98 -29.14
CA THR B 64 -9.81 -10.05 -29.98
C THR B 64 -9.42 -11.06 -31.04
N GLY B 65 -10.38 -11.41 -31.90
CA GLY B 65 -10.12 -12.28 -33.02
C GLY B 65 -9.69 -11.43 -34.19
N ASP B 66 -9.57 -12.04 -35.36
CA ASP B 66 -9.12 -11.29 -36.51
C ASP B 66 -10.28 -11.04 -37.45
N ASP B 67 -11.48 -10.88 -36.91
CA ASP B 67 -12.67 -10.66 -37.72
C ASP B 67 -12.93 -9.16 -37.72
N SER B 68 -14.02 -8.71 -38.34
CA SER B 68 -14.28 -7.27 -38.46
C SER B 68 -14.72 -6.70 -37.12
N ILE B 69 -15.46 -7.49 -36.36
CA ILE B 69 -15.91 -7.01 -35.06
C ILE B 69 -14.67 -6.69 -34.22
N GLY B 70 -13.64 -7.53 -34.35
CA GLY B 70 -12.42 -7.33 -33.60
C GLY B 70 -11.72 -6.01 -33.89
N GLU B 71 -11.63 -5.69 -35.17
CA GLU B 71 -11.08 -4.42 -35.58
C GLU B 71 -11.96 -3.26 -35.12
N SER B 72 -13.28 -3.39 -35.22
CA SER B 72 -14.15 -2.33 -34.75
C SER B 72 -14.01 -2.08 -33.23
N VAL B 73 -13.93 -3.13 -32.43
CA VAL B 73 -13.83 -2.92 -30.99
C VAL B 73 -12.51 -2.26 -30.64
N ARG B 74 -11.43 -2.65 -31.33
CA ARG B 74 -10.14 -2.02 -31.07
C ARG B 74 -10.15 -0.52 -31.37
N GLN B 75 -10.74 -0.13 -32.49
CA GLN B 75 -10.88 1.28 -32.82
C GLN B 75 -11.72 2.01 -31.79
N GLN B 76 -12.81 1.38 -31.34
CA GLN B 76 -13.66 2.08 -30.40
C GLN B 76 -12.93 2.22 -29.05
N LEU B 77 -12.23 1.18 -28.61
CA LEU B 77 -11.51 1.28 -27.33
C LEU B 77 -10.46 2.38 -27.33
N ALA B 78 -9.74 2.53 -28.44
CA ALA B 78 -8.81 3.65 -28.54
C ALA B 78 -9.43 5.03 -28.24
N THR B 79 -10.69 5.23 -28.60
CA THR B 79 -11.35 6.54 -28.39
C THR B 79 -11.88 6.67 -26.97
N ASP B 80 -11.80 5.59 -26.21
CA ASP B 80 -12.21 5.60 -24.82
C ASP B 80 -11.06 5.89 -23.83
N ASN B 81 -10.02 6.56 -24.28
CA ASN B 81 -8.90 6.89 -23.42
C ASN B 81 -8.22 5.65 -22.87
N ILE B 82 -8.20 4.58 -23.67
CA ILE B 82 -7.50 3.38 -23.29
C ILE B 82 -6.28 3.19 -24.17
N ASP B 83 -5.14 2.88 -23.56
CA ASP B 83 -3.99 2.41 -24.35
C ASP B 83 -4.21 0.95 -24.73
N ILE B 84 -4.46 0.73 -26.03
CA ILE B 84 -4.72 -0.60 -26.58
C ILE B 84 -3.52 -1.34 -27.16
N THR B 85 -2.33 -0.80 -26.94
CA THR B 85 -1.13 -1.43 -27.45
C THR B 85 -1.09 -2.93 -27.08
N PRO B 86 -1.40 -3.26 -25.83
CA PRO B 86 -1.38 -4.66 -25.39
C PRO B 86 -2.71 -5.41 -25.62
N VAL B 87 -3.52 -4.97 -26.58
CA VAL B 87 -4.61 -5.78 -27.10
C VAL B 87 -4.20 -6.58 -28.34
N SER B 88 -4.08 -7.89 -28.19
CA SER B 88 -3.56 -8.76 -29.23
C SER B 88 -4.70 -9.16 -30.18
N VAL B 89 -4.35 -9.32 -31.46
CA VAL B 89 -5.21 -9.84 -32.53
C VAL B 89 -4.83 -11.30 -32.77
N ILE B 90 -5.69 -12.23 -32.36
CA ILE B 90 -5.34 -13.66 -32.44
C ILE B 90 -5.81 -14.24 -33.77
N LYS B 91 -4.89 -14.57 -34.68
CA LYS B 91 -5.29 -15.02 -36.00
C LYS B 91 -5.97 -16.38 -35.91
N GLY B 92 -6.99 -16.58 -36.73
CA GLY B 92 -7.71 -17.84 -36.72
C GLY B 92 -8.83 -17.96 -35.71
N GLU B 93 -9.02 -16.94 -34.86
CA GLU B 93 -10.09 -17.02 -33.89
C GLU B 93 -11.13 -15.94 -34.14
N SER B 94 -12.35 -16.13 -33.65
CA SER B 94 -13.33 -15.05 -33.72
C SER B 94 -13.37 -14.32 -32.37
N THR B 95 -13.83 -13.08 -32.39
CA THR B 95 -14.01 -12.34 -31.16
C THR B 95 -15.10 -12.95 -30.28
N GLY B 96 -14.96 -12.82 -28.97
CA GLY B 96 -15.92 -13.36 -28.03
C GLY B 96 -17.31 -12.81 -28.31
N VAL B 97 -18.32 -13.62 -27.97
CA VAL B 97 -19.71 -13.25 -28.20
C VAL B 97 -20.47 -13.59 -26.92
N ALA B 98 -21.43 -12.75 -26.53
CA ALA B 98 -22.29 -13.07 -25.40
C ALA B 98 -23.75 -12.97 -25.82
N LEU B 99 -24.56 -13.98 -25.51
CA LEU B 99 -25.99 -13.88 -25.79
C LEU B 99 -26.70 -13.55 -24.48
N ILE B 100 -27.50 -12.49 -24.48
CA ILE B 100 -28.07 -12.01 -23.22
C ILE B 100 -29.59 -11.77 -23.27
N PHE B 101 -30.30 -12.36 -22.31
CA PHE B 101 -31.72 -12.09 -22.07
C PHE B 101 -31.81 -11.22 -20.83
N VAL B 102 -32.60 -10.16 -20.92
CA VAL B 102 -32.96 -9.30 -19.80
C VAL B 102 -34.49 -9.40 -19.60
N ASN B 103 -34.95 -9.86 -18.45
CA ASN B 103 -36.39 -9.95 -18.22
C ASN B 103 -37.08 -8.65 -17.83
N GLY B 104 -38.39 -8.71 -17.57
CA GLY B 104 -39.20 -7.54 -17.31
C GLY B 104 -38.75 -6.69 -16.13
N GLU B 105 -38.23 -7.36 -15.11
CA GLU B 105 -37.66 -6.58 -14.02
C GLU B 105 -36.27 -6.03 -14.32
N GLY B 106 -35.50 -6.75 -15.14
CA GLY B 106 -34.14 -6.30 -15.42
C GLY B 106 -33.11 -7.25 -14.86
N GLU B 107 -33.53 -8.45 -14.49
CA GLU B 107 -32.60 -9.51 -14.19
C GLU B 107 -32.12 -10.08 -15.54
N ASN B 108 -30.88 -10.55 -15.58
CA ASN B 108 -30.35 -10.97 -16.86
C ASN B 108 -29.69 -12.33 -16.81
N VAL B 109 -29.58 -12.95 -17.97
CA VAL B 109 -28.96 -14.24 -18.08
C VAL B 109 -28.01 -14.16 -19.28
N ILE B 110 -26.84 -14.79 -19.18
CA ILE B 110 -25.79 -14.62 -20.16
C ILE B 110 -25.15 -15.94 -20.50
N GLY B 111 -25.07 -16.25 -21.79
CA GLY B 111 -24.26 -17.35 -22.27
C GLY B 111 -23.15 -16.78 -23.15
N ILE B 112 -21.95 -17.32 -23.02
CA ILE B 112 -20.79 -16.70 -23.61
C ILE B 112 -20.04 -17.72 -24.44
N HIS B 113 -19.54 -17.26 -25.58
CA HIS B 113 -18.68 -18.09 -26.41
C HIS B 113 -17.38 -17.35 -26.33
N ALA B 114 -16.38 -18.02 -25.78
CA ALA B 114 -15.13 -17.40 -25.37
C ALA B 114 -14.33 -16.85 -26.55
N GLY B 115 -14.34 -17.57 -27.66
CA GLY B 115 -13.50 -17.22 -28.81
C GLY B 115 -12.09 -16.84 -28.38
N ALA B 116 -11.62 -15.70 -28.89
CA ALA B 116 -10.25 -15.22 -28.68
C ALA B 116 -9.92 -15.00 -27.22
N ASN B 117 -10.94 -14.77 -26.39
CA ASN B 117 -10.66 -14.51 -24.98
C ASN B 117 -9.90 -15.68 -24.40
N ALA B 118 -10.16 -16.83 -24.99
CA ALA B 118 -9.58 -18.05 -24.49
C ALA B 118 -8.09 -18.12 -24.89
N ALA B 119 -7.64 -17.22 -25.74
CA ALA B 119 -6.22 -17.27 -26.12
C ALA B 119 -5.31 -16.45 -25.22
N LEU B 120 -5.87 -15.70 -24.27
CA LEU B 120 -5.11 -14.88 -23.33
C LEU B 120 -4.34 -15.80 -22.37
N SER B 121 -3.11 -16.14 -22.73
CA SER B 121 -2.37 -17.21 -22.06
C SER B 121 -1.34 -16.59 -21.17
N PRO B 122 -0.72 -17.44 -20.38
CA PRO B 122 0.41 -17.04 -19.55
C PRO B 122 1.59 -16.53 -20.39
N ALA B 123 1.81 -17.09 -21.57
CA ALA B 123 2.83 -16.51 -22.45
C ALA B 123 2.57 -15.04 -22.77
N LEU B 124 1.31 -14.71 -23.04
CA LEU B 124 0.96 -13.34 -23.36
C LEU B 124 1.09 -12.39 -22.18
N VAL B 125 0.78 -12.86 -20.98
CA VAL B 125 0.86 -12.07 -19.75
C VAL B 125 2.34 -11.79 -19.50
N GLU B 126 3.13 -12.84 -19.69
CA GLU B 126 4.55 -12.81 -19.44
C GLU B 126 5.22 -11.78 -20.36
N ALA B 127 4.67 -11.62 -21.56
CA ALA B 127 5.15 -10.60 -22.49
C ALA B 127 4.87 -9.19 -22.00
N GLN B 128 3.88 -9.07 -21.11
CA GLN B 128 3.55 -7.82 -20.44
C GLN B 128 4.15 -7.69 -19.04
N ARG B 129 5.17 -8.51 -18.75
CA ARG B 129 5.79 -8.48 -17.42
C ARG B 129 6.27 -7.10 -16.93
N GLU B 130 7.04 -6.40 -17.74
CA GLU B 130 7.51 -5.06 -17.38
C GLU B 130 6.32 -4.15 -17.06
N ARG B 131 5.32 -4.20 -17.94
CA ARG B 131 4.15 -3.37 -17.80
C ARG B 131 3.40 -3.61 -16.50
N ILE B 132 3.20 -4.86 -16.10
CA ILE B 132 2.48 -5.11 -14.86
C ILE B 132 3.34 -4.67 -13.67
N ALA B 133 4.63 -4.93 -13.77
CA ALA B 133 5.51 -4.60 -12.66
C ALA B 133 5.62 -3.10 -12.43
N ASN B 134 5.49 -2.31 -13.50
CA ASN B 134 5.60 -0.85 -13.40
C ASN B 134 4.27 -0.12 -13.10
N ALA B 135 3.12 -0.79 -13.26
CA ALA B 135 1.83 -0.15 -13.02
C ALA B 135 1.58 0.04 -11.53
N SER B 136 0.71 0.98 -11.16
CA SER B 136 0.30 1.09 -9.76
C SER B 136 -0.80 0.07 -9.43
N ALA B 137 -1.59 -0.36 -10.41
CA ALA B 137 -2.62 -1.35 -10.11
C ALA B 137 -2.93 -2.20 -11.31
N LEU B 138 -3.49 -3.38 -11.03
CA LEU B 138 -3.85 -4.41 -11.99
C LEU B 138 -5.30 -4.82 -11.61
N LEU B 139 -6.25 -4.62 -12.53
CA LEU B 139 -7.64 -4.97 -12.35
C LEU B 139 -8.03 -6.13 -13.30
N MET B 140 -8.63 -7.19 -12.75
CA MET B 140 -8.94 -8.39 -13.54
C MET B 140 -10.27 -8.96 -13.10
N GLN B 141 -10.80 -9.89 -13.89
CA GLN B 141 -12.08 -10.53 -13.63
C GLN B 141 -11.90 -12.01 -13.92
N LEU B 142 -12.99 -12.74 -14.11
CA LEU B 142 -12.84 -14.18 -14.25
C LEU B 142 -13.39 -14.65 -15.59
N GLU B 143 -13.32 -13.78 -16.59
CA GLU B 143 -13.76 -14.18 -17.91
C GLU B 143 -12.56 -14.62 -18.73
N SER B 144 -11.39 -14.69 -18.11
CA SER B 144 -10.14 -15.02 -18.81
C SER B 144 -9.62 -16.28 -18.13
N PRO B 145 -8.77 -17.05 -18.79
CA PRO B 145 -8.34 -18.35 -18.25
C PRO B 145 -7.66 -18.16 -16.90
N LEU B 146 -8.07 -19.01 -15.95
CA LEU B 146 -7.53 -18.95 -14.60
C LEU B 146 -6.00 -18.90 -14.54
N GLU B 147 -5.34 -19.77 -15.30
CA GLU B 147 -3.87 -19.76 -15.37
C GLU B 147 -3.32 -18.36 -15.63
N SER B 148 -3.99 -17.56 -16.46
CA SER B 148 -3.44 -16.27 -16.84
C SER B 148 -3.64 -15.22 -15.73
N VAL B 149 -4.79 -15.29 -15.07
CA VAL B 149 -5.09 -14.38 -13.98
C VAL B 149 -4.08 -14.60 -12.86
N MET B 150 -3.74 -15.86 -12.62
CA MET B 150 -2.75 -16.20 -11.59
C MET B 150 -1.34 -15.74 -11.95
N ALA B 151 -0.97 -15.87 -13.22
CA ALA B 151 0.38 -15.45 -13.62
C ALA B 151 0.42 -13.94 -13.46
N ALA B 152 -0.65 -13.26 -13.83
CA ALA B 152 -0.63 -11.79 -13.70
C ALA B 152 -0.57 -11.38 -12.21
N ALA B 153 -1.31 -12.08 -11.36
CA ALA B 153 -1.38 -11.76 -9.95
C ALA B 153 0.00 -11.92 -9.31
N LYS B 154 0.71 -12.98 -9.70
CA LYS B 154 2.04 -13.21 -9.15
C LYS B 154 3.05 -12.16 -9.57
N ILE B 155 2.97 -11.71 -10.82
CA ILE B 155 3.86 -10.66 -11.25
C ILE B 155 3.54 -9.41 -10.43
N ALA B 156 2.25 -9.08 -10.36
CA ALA B 156 1.89 -7.85 -9.67
C ALA B 156 2.31 -7.89 -8.19
N HIS B 157 2.08 -9.03 -7.56
CA HIS B 157 2.33 -9.17 -6.15
C HIS B 157 3.84 -8.98 -5.85
N GLN B 158 4.69 -9.64 -6.61
CA GLN B 158 6.13 -9.43 -6.47
C GLN B 158 6.56 -8.01 -6.77
N ASN B 159 5.76 -7.21 -7.47
CA ASN B 159 6.24 -5.85 -7.72
C ASN B 159 5.36 -4.85 -6.99
N LYS B 160 4.57 -5.36 -6.06
CA LYS B 160 3.81 -4.45 -5.22
C LYS B 160 2.93 -3.61 -6.13
N THR B 161 2.45 -4.22 -7.19
CA THR B 161 1.41 -3.63 -8.00
C THR B 161 0.15 -4.10 -7.30
N ILE B 162 -0.75 -3.18 -6.97
CA ILE B 162 -2.00 -3.55 -6.31
C ILE B 162 -2.80 -4.49 -7.23
N VAL B 163 -3.20 -5.63 -6.66
CA VAL B 163 -4.07 -6.56 -7.34
C VAL B 163 -5.53 -6.44 -6.92
N ALA B 164 -6.33 -5.98 -7.87
CA ALA B 164 -7.77 -5.80 -7.69
C ALA B 164 -8.48 -6.82 -8.58
N LEU B 165 -9.24 -7.68 -7.92
CA LEU B 165 -9.94 -8.78 -8.58
C LEU B 165 -11.44 -8.63 -8.42
N ASN B 166 -12.16 -8.60 -9.54
CA ASN B 166 -13.59 -8.68 -9.58
C ASN B 166 -13.96 -10.09 -9.95
N PRO B 167 -14.38 -10.86 -8.94
CA PRO B 167 -14.53 -12.31 -9.06
C PRO B 167 -15.82 -12.71 -9.77
N ALA B 168 -15.98 -12.31 -11.04
CA ALA B 168 -17.21 -12.54 -11.80
C ALA B 168 -16.76 -13.04 -13.16
N PRO B 169 -17.47 -13.97 -13.79
CA PRO B 169 -18.64 -14.68 -13.26
C PRO B 169 -18.32 -15.50 -12.03
N ALA B 170 -19.37 -15.92 -11.34
CA ALA B 170 -19.26 -16.67 -10.11
C ALA B 170 -18.54 -18.00 -10.29
N ARG B 171 -17.56 -18.23 -9.42
CA ARG B 171 -16.93 -19.54 -9.28
C ARG B 171 -16.08 -19.67 -8.03
N GLU B 172 -15.64 -20.90 -7.76
CA GLU B 172 -14.69 -21.18 -6.67
C GLU B 172 -13.28 -20.85 -7.11
N LEU B 173 -12.50 -20.20 -6.24
CA LEU B 173 -11.11 -19.88 -6.55
C LEU B 173 -10.14 -20.57 -5.59
N PRO B 174 -8.94 -20.92 -6.05
CA PRO B 174 -7.95 -21.50 -5.14
C PRO B 174 -7.32 -20.47 -4.18
N ASP B 175 -7.07 -20.93 -2.95
CA ASP B 175 -6.42 -20.11 -1.93
C ASP B 175 -5.18 -19.40 -2.46
N GLU B 176 -4.50 -20.05 -3.39
CA GLU B 176 -3.22 -19.60 -3.91
C GLU B 176 -3.45 -18.24 -4.59
N LEU B 177 -4.52 -18.13 -5.34
CA LEU B 177 -4.83 -16.85 -5.93
C LEU B 177 -5.35 -15.86 -4.87
N LEU B 178 -6.29 -16.27 -4.01
CA LEU B 178 -6.95 -15.29 -3.12
C LEU B 178 -5.87 -14.62 -2.26
N ALA B 179 -4.80 -15.35 -1.97
CA ALA B 179 -3.71 -14.79 -1.16
C ALA B 179 -2.97 -13.62 -1.84
N LEU B 180 -3.10 -13.48 -3.14
CA LEU B 180 -2.37 -12.42 -3.84
C LEU B 180 -3.26 -11.18 -4.04
N VAL B 181 -4.53 -11.26 -3.72
CA VAL B 181 -5.43 -10.16 -4.00
C VAL B 181 -5.35 -9.12 -2.86
N ASP B 182 -5.43 -7.84 -3.21
CA ASP B 182 -5.48 -6.74 -2.26
C ASP B 182 -6.90 -6.18 -2.10
N ILE B 183 -7.69 -6.19 -3.17
CA ILE B 183 -9.03 -5.65 -3.17
C ILE B 183 -9.87 -6.62 -3.98
N ILE B 184 -10.96 -7.10 -3.38
CA ILE B 184 -11.90 -7.96 -4.10
C ILE B 184 -13.30 -7.33 -4.07
N THR B 185 -14.10 -7.57 -5.11
CA THR B 185 -15.43 -6.95 -5.23
C THR B 185 -16.53 -7.93 -5.60
N PRO B 186 -16.79 -8.91 -4.77
CA PRO B 186 -17.83 -9.88 -5.15
C PRO B 186 -19.19 -9.22 -5.00
N ASN B 187 -20.17 -9.69 -5.75
CA ASN B 187 -21.56 -9.43 -5.37
C ASN B 187 -22.00 -10.50 -4.38
N GLU B 188 -23.30 -10.53 -4.06
CA GLU B 188 -23.76 -11.34 -2.93
C GLU B 188 -23.64 -12.77 -3.35
N THR B 189 -23.95 -13.04 -4.61
CA THR B 189 -23.78 -14.38 -5.17
C THR B 189 -22.32 -14.86 -5.17
N GLU B 190 -21.39 -14.03 -5.63
CA GLU B 190 -19.98 -14.42 -5.61
C GLU B 190 -19.43 -14.55 -4.19
N ALA B 191 -19.81 -13.63 -3.31
CA ALA B 191 -19.42 -13.75 -1.91
C ALA B 191 -19.78 -15.14 -1.36
N GLU B 192 -21.02 -15.60 -1.62
CA GLU B 192 -21.46 -16.93 -1.22
C GLU B 192 -20.65 -18.05 -1.86
N LYS B 193 -20.38 -17.93 -3.14
CA LYS B 193 -19.71 -19.04 -3.79
C LYS B 193 -18.28 -19.20 -3.25
N LEU B 194 -17.67 -18.10 -2.80
CA LEU B 194 -16.28 -18.13 -2.35
C LEU B 194 -16.11 -18.42 -0.86
N THR B 195 -17.12 -18.08 -0.04
CA THR B 195 -17.03 -18.22 1.40
C THR B 195 -17.91 -19.33 1.89
N GLY B 196 -18.98 -19.61 1.15
CA GLY B 196 -20.00 -20.54 1.58
C GLY B 196 -21.09 -19.86 2.39
N ILE B 197 -20.90 -18.58 2.66
CA ILE B 197 -21.86 -17.78 3.41
C ILE B 197 -22.84 -16.93 2.61
N ARG B 198 -24.14 -17.20 2.77
CA ARG B 198 -25.24 -16.43 2.19
C ARG B 198 -25.19 -15.00 2.69
N VAL B 199 -25.30 -14.04 1.78
CA VAL B 199 -25.30 -12.65 2.18
C VAL B 199 -26.64 -11.97 1.94
N GLU B 200 -27.38 -11.70 3.01
CA GLU B 200 -28.68 -11.03 2.89
C GLU B 200 -28.71 -9.66 3.52
N ASN B 201 -27.74 -9.37 4.37
CA ASN B 201 -27.70 -8.13 5.14
C ASN B 201 -26.28 -7.84 5.60
N ASP B 202 -26.06 -6.65 6.16
CA ASP B 202 -24.70 -6.26 6.48
C ASP B 202 -24.01 -7.24 7.42
N GLU B 203 -24.78 -7.89 8.29
CA GLU B 203 -24.19 -8.82 9.25
C GLU B 203 -23.60 -10.06 8.57
N ASP B 204 -24.38 -10.71 7.72
CA ASP B 204 -23.88 -11.71 6.78
C ASP B 204 -22.65 -11.20 6.01
N ALA B 205 -22.67 -9.93 5.61
CA ALA B 205 -21.58 -9.48 4.77
C ALA B 205 -20.33 -9.52 5.62
N ALA B 206 -20.43 -9.07 6.86
CA ALA B 206 -19.29 -9.06 7.75
C ALA B 206 -18.65 -10.45 7.85
N LYS B 207 -19.48 -11.48 7.89
CA LYS B 207 -18.97 -12.82 8.06
C LYS B 207 -18.27 -13.20 6.78
N ALA B 208 -18.91 -12.89 5.66
CA ALA B 208 -18.40 -13.32 4.37
C ALA B 208 -17.06 -12.61 4.18
N ALA B 209 -17.00 -11.34 4.50
CA ALA B 209 -15.76 -10.59 4.38
C ALA B 209 -14.65 -11.19 5.23
N GLN B 210 -14.96 -11.51 6.48
CA GLN B 210 -13.98 -12.11 7.37
C GLN B 210 -13.29 -13.33 6.76
N VAL B 211 -14.05 -14.25 6.18
CA VAL B 211 -13.43 -15.41 5.53
C VAL B 211 -12.45 -14.94 4.45
N LEU B 212 -12.84 -13.92 3.69
CA LEU B 212 -12.01 -13.45 2.58
C LEU B 212 -10.78 -12.80 3.19
N HIS B 213 -10.97 -12.04 4.25
CA HIS B 213 -9.83 -11.39 4.89
C HIS B 213 -8.83 -12.41 5.42
N GLU B 214 -9.34 -13.47 6.04
CA GLU B 214 -8.49 -14.52 6.59
C GLU B 214 -7.81 -15.26 5.45
N LYS B 215 -8.41 -15.26 4.26
CA LYS B 215 -7.70 -15.86 3.14
C LYS B 215 -6.54 -14.98 2.64
N GLY B 216 -6.38 -13.78 3.20
CA GLY B 216 -5.27 -12.91 2.81
C GLY B 216 -5.64 -11.58 2.16
N ILE B 217 -6.93 -11.33 2.00
CA ILE B 217 -7.39 -10.17 1.25
C ILE B 217 -7.69 -9.02 2.21
N ARG B 218 -6.85 -7.99 2.22
CA ARG B 218 -7.02 -6.82 3.06
C ARG B 218 -8.31 -6.00 2.81
N THR B 219 -8.69 -5.77 1.56
CA THR B 219 -9.81 -4.89 1.25
C THR B 219 -10.93 -5.68 0.57
N VAL B 220 -12.09 -5.73 1.23
CA VAL B 220 -13.17 -6.53 0.72
C VAL B 220 -14.42 -5.69 0.54
N LEU B 221 -14.91 -5.64 -0.70
CA LEU B 221 -16.05 -4.80 -0.97
C LEU B 221 -17.14 -5.68 -1.56
N ILE B 222 -18.11 -6.08 -0.77
CA ILE B 222 -19.20 -6.91 -1.27
C ILE B 222 -20.35 -6.00 -1.68
N THR B 223 -20.65 -5.95 -2.98
CA THR B 223 -21.71 -5.06 -3.49
C THR B 223 -23.08 -5.58 -3.15
N LEU B 224 -23.97 -4.68 -2.77
CA LEU B 224 -25.27 -5.11 -2.31
C LEU B 224 -26.36 -4.54 -3.22
N GLY B 225 -26.16 -4.62 -4.54
CA GLY B 225 -27.08 -3.99 -5.47
C GLY B 225 -27.56 -2.62 -5.02
N SER B 226 -28.85 -2.52 -4.74
CA SER B 226 -29.46 -1.23 -4.43
C SER B 226 -29.03 -0.69 -3.06
N ARG B 227 -28.75 -1.62 -2.15
CA ARG B 227 -28.37 -1.27 -0.79
C ARG B 227 -26.97 -0.68 -0.70
N GLY B 228 -26.21 -0.68 -1.79
CA GLY B 228 -24.88 -0.07 -1.76
C GLY B 228 -23.73 -1.06 -1.69
N VAL B 229 -22.85 -0.91 -0.71
CA VAL B 229 -21.73 -1.84 -0.60
C VAL B 229 -21.31 -2.00 0.84
N TRP B 230 -20.85 -3.20 1.18
CA TRP B 230 -20.20 -3.37 2.46
C TRP B 230 -18.70 -3.27 2.27
N ALA B 231 -18.11 -2.23 2.83
CA ALA B 231 -16.69 -2.07 2.69
C ALA B 231 -15.93 -2.56 3.93
N SER B 232 -15.02 -3.50 3.72
CA SER B 232 -14.20 -3.96 4.83
C SER B 232 -12.70 -3.98 4.62
N VAL B 233 -12.00 -3.39 5.58
CA VAL B 233 -10.55 -3.42 5.58
C VAL B 233 -10.04 -4.09 6.86
N ASN B 234 -9.31 -5.20 6.67
CA ASN B 234 -8.75 -6.03 7.75
C ASN B 234 -9.79 -6.21 8.86
N GLY B 235 -11.04 -6.43 8.47
CA GLY B 235 -12.08 -6.78 9.42
C GLY B 235 -12.95 -5.62 9.89
N GLU B 236 -12.50 -4.40 9.66
CA GLU B 236 -13.27 -3.21 9.97
C GLU B 236 -14.28 -2.88 8.85
N GLY B 237 -15.53 -3.30 9.03
CA GLY B 237 -16.56 -3.06 8.04
C GLY B 237 -17.34 -1.76 8.20
N GLN B 238 -18.07 -1.38 7.16
CA GLN B 238 -18.79 -0.12 7.08
C GLN B 238 -19.72 -0.17 5.85
N ARG B 239 -20.92 0.36 5.97
CA ARG B 239 -21.83 0.34 4.85
C ARG B 239 -21.73 1.66 4.11
N VAL B 240 -21.72 1.56 2.80
CA VAL B 240 -21.76 2.76 1.96
C VAL B 240 -22.84 2.61 0.91
N PRO B 241 -23.94 3.32 1.13
CA PRO B 241 -25.06 3.40 0.19
C PRO B 241 -24.72 3.99 -1.17
N GLY B 242 -25.42 3.51 -2.20
CA GLY B 242 -25.33 4.15 -3.50
C GLY B 242 -26.31 5.30 -3.60
N PHE B 243 -26.52 5.75 -4.83
CA PHE B 243 -27.52 6.78 -5.11
C PHE B 243 -28.81 6.09 -5.56
N ARG B 244 -29.94 6.77 -5.43
CA ARG B 244 -31.22 6.23 -5.92
C ARG B 244 -31.50 6.86 -7.28
N VAL B 245 -31.89 6.04 -8.25
CA VAL B 245 -32.20 6.50 -9.59
C VAL B 245 -33.16 5.50 -10.23
N GLN B 246 -33.84 5.89 -11.30
CA GLN B 246 -34.68 4.91 -11.99
C GLN B 246 -33.93 4.02 -12.98
N ALA B 247 -33.93 2.72 -12.67
CA ALA B 247 -33.27 1.69 -13.44
C ALA B 247 -34.02 1.28 -14.70
N VAL B 248 -33.31 1.30 -15.83
CA VAL B 248 -33.79 0.65 -17.03
C VAL B 248 -33.00 -0.64 -17.29
N ASP B 249 -31.67 -0.54 -17.15
CA ASP B 249 -30.77 -1.62 -17.50
C ASP B 249 -29.53 -1.66 -16.61
N THR B 250 -29.33 -2.77 -15.92
CA THR B 250 -28.18 -2.89 -15.04
C THR B 250 -27.05 -3.74 -15.60
N ILE B 251 -27.05 -4.01 -16.90
CA ILE B 251 -25.93 -4.70 -17.53
C ILE B 251 -24.73 -3.79 -17.25
N ALA B 252 -23.61 -4.35 -16.83
CA ALA B 252 -22.34 -3.62 -16.70
C ALA B 252 -22.26 -2.62 -15.54
N ALA B 253 -23.24 -2.71 -14.64
CA ALA B 253 -23.23 -1.87 -13.45
C ALA B 253 -22.01 -2.10 -12.57
N GLY B 254 -21.76 -3.34 -12.20
CA GLY B 254 -20.55 -3.69 -11.47
C GLY B 254 -19.27 -3.29 -12.21
N ASP B 255 -19.32 -3.47 -13.52
CA ASP B 255 -18.13 -3.23 -14.32
C ASP B 255 -17.82 -1.75 -14.17
N THR B 256 -18.85 -0.92 -14.28
CA THR B 256 -18.69 0.52 -14.17
C THR B 256 -18.14 0.84 -12.79
N PHE B 257 -18.77 0.27 -11.77
CA PHE B 257 -18.32 0.44 -10.40
C PHE B 257 -16.84 0.14 -10.26
N ASN B 258 -16.44 -1.04 -10.74
CA ASN B 258 -15.05 -1.44 -10.61
C ASN B 258 -14.10 -0.48 -11.27
N GLY B 259 -14.42 -0.08 -12.49
CA GLY B 259 -13.53 0.79 -13.25
C GLY B 259 -13.34 2.15 -12.60
N ALA B 260 -14.43 2.72 -12.09
CA ALA B 260 -14.30 4.08 -11.54
C ALA B 260 -13.79 4.02 -10.13
N LEU B 261 -14.05 2.90 -9.46
CA LEU B 261 -13.43 2.66 -8.20
C LEU B 261 -11.89 2.68 -8.32
N ILE B 262 -11.30 1.87 -9.20
CA ILE B 262 -9.84 1.88 -9.26
C ILE B 262 -9.30 3.26 -9.65
N THR B 263 -10.04 3.98 -10.48
CA THR B 263 -9.62 5.31 -10.92
C THR B 263 -9.50 6.28 -9.75
N ALA B 264 -10.55 6.37 -8.95
CA ALA B 264 -10.53 7.27 -7.81
C ALA B 264 -9.50 6.86 -6.76
N LEU B 265 -9.26 5.55 -6.59
CA LEU B 265 -8.21 5.15 -5.64
C LEU B 265 -6.82 5.52 -6.16
N LEU B 266 -6.62 5.41 -7.48
CA LEU B 266 -5.37 5.88 -8.05
C LEU B 266 -5.26 7.40 -7.96
N GLU B 267 -6.38 8.07 -7.76
CA GLU B 267 -6.27 9.50 -7.57
C GLU B 267 -5.99 9.84 -6.11
N GLU B 268 -5.87 8.79 -5.30
CA GLU B 268 -5.56 8.89 -3.88
C GLU B 268 -6.77 9.36 -3.07
N LYS B 269 -7.97 9.31 -3.65
CA LYS B 269 -9.18 9.56 -2.87
C LYS B 269 -9.31 8.42 -1.90
N PRO B 270 -9.72 8.73 -0.66
CA PRO B 270 -9.92 7.69 0.34
C PRO B 270 -11.04 6.74 -0.07
N LEU B 271 -11.02 5.57 0.54
CA LEU B 271 -11.90 4.50 0.16
C LEU B 271 -13.38 4.90 0.12
N PRO B 272 -13.87 5.54 1.19
CA PRO B 272 -15.25 6.04 1.26
C PRO B 272 -15.63 6.90 0.06
N GLU B 273 -14.86 7.93 -0.20
CA GLU B 273 -15.14 8.81 -1.33
C GLU B 273 -14.93 8.13 -2.69
N ALA B 274 -13.86 7.36 -2.81
CA ALA B 274 -13.62 6.53 -3.98
C ALA B 274 -14.86 5.67 -4.27
N ILE B 275 -15.45 5.08 -3.25
CA ILE B 275 -16.57 4.18 -3.51
C ILE B 275 -17.77 5.02 -3.93
N ARG B 276 -17.81 6.23 -3.40
CA ARG B 276 -18.95 7.11 -3.67
C ARG B 276 -18.90 7.52 -5.11
N PHE B 277 -17.69 7.81 -5.60
CA PHE B 277 -17.44 8.15 -7.00
C PHE B 277 -17.84 6.96 -7.88
N ALA B 278 -17.47 5.76 -7.47
CA ALA B 278 -17.83 4.58 -8.26
C ALA B 278 -19.37 4.39 -8.31
N HIS B 279 -20.01 4.60 -7.14
CA HIS B 279 -21.46 4.52 -7.03
C HIS B 279 -22.06 5.51 -8.03
N ALA B 280 -21.49 6.69 -8.11
CA ALA B 280 -22.09 7.69 -8.96
C ALA B 280 -22.00 7.26 -10.43
N ALA B 281 -20.86 6.72 -10.84
CA ALA B 281 -20.70 6.25 -12.21
C ALA B 281 -21.71 5.17 -12.53
N ALA B 282 -21.80 4.19 -11.67
CA ALA B 282 -22.67 3.08 -11.96
C ALA B 282 -24.13 3.50 -12.00
N ALA B 283 -24.47 4.52 -11.20
CA ALA B 283 -25.86 4.92 -11.06
C ALA B 283 -26.28 5.57 -12.35
N ILE B 284 -25.45 6.44 -12.89
CA ILE B 284 -25.66 6.88 -14.25
C ILE B 284 -25.76 5.66 -15.19
N ALA B 285 -24.86 4.69 -15.02
CA ALA B 285 -24.78 3.65 -16.04
C ALA B 285 -26.10 2.89 -16.11
N VAL B 286 -26.77 2.81 -14.97
CA VAL B 286 -27.97 1.99 -14.92
C VAL B 286 -29.17 2.68 -15.57
N THR B 287 -29.03 3.96 -15.92
CA THR B 287 -30.13 4.61 -16.62
C THR B 287 -30.00 4.53 -18.14
N ARG B 288 -28.97 3.82 -18.64
CA ARG B 288 -28.72 3.74 -20.08
C ARG B 288 -28.61 2.29 -20.56
N LYS B 289 -28.94 2.01 -21.82
CA LYS B 289 -28.96 0.63 -22.32
C LYS B 289 -27.62 0.14 -22.82
N GLY B 290 -27.48 -1.18 -22.88
CA GLY B 290 -26.26 -1.80 -23.37
C GLY B 290 -25.20 -1.69 -22.29
N ALA B 291 -23.99 -2.16 -22.61
CA ALA B 291 -22.91 -2.09 -21.64
C ALA B 291 -21.99 -0.91 -21.90
N GLN B 292 -21.07 -1.03 -22.84
CA GLN B 292 -20.10 0.06 -22.93
C GLN B 292 -20.77 1.37 -23.20
N PRO B 293 -21.85 1.33 -23.97
CA PRO B 293 -22.54 2.57 -24.35
C PRO B 293 -23.19 3.28 -23.13
N SER B 294 -23.46 2.51 -22.08
CA SER B 294 -23.99 3.11 -20.86
C SER B 294 -22.95 3.71 -19.89
N VAL B 295 -21.65 3.65 -20.20
CA VAL B 295 -20.60 4.03 -19.24
C VAL B 295 -20.36 5.53 -19.34
N PRO B 296 -20.37 6.26 -18.23
CA PRO B 296 -20.30 7.73 -18.24
C PRO B 296 -18.88 8.23 -18.36
N TRP B 297 -18.72 9.47 -18.79
CA TRP B 297 -17.45 10.14 -18.91
C TRP B 297 -17.24 10.95 -17.61
N ARG B 298 -15.98 11.22 -17.28
CA ARG B 298 -15.65 11.86 -16.02
C ARG B 298 -16.43 13.15 -15.83
N GLU B 299 -16.59 13.91 -16.93
CA GLU B 299 -17.36 15.16 -16.91
C GLU B 299 -18.73 14.98 -16.30
N GLU B 300 -19.41 13.93 -16.74
CA GLU B 300 -20.75 13.64 -16.27
C GLU B 300 -20.75 13.14 -14.82
N ILE B 301 -19.68 12.47 -14.40
CA ILE B 301 -19.69 11.95 -13.04
C ILE B 301 -19.55 13.11 -12.07
N ASP B 302 -18.56 13.97 -12.29
CA ASP B 302 -18.42 15.17 -11.46
C ASP B 302 -19.75 15.97 -11.42
N ALA B 303 -20.33 16.28 -12.58
CA ALA B 303 -21.58 17.05 -12.62
C ALA B 303 -22.65 16.39 -11.77
N PHE B 304 -22.74 15.07 -11.83
CA PHE B 304 -23.78 14.38 -11.09
C PHE B 304 -23.47 14.39 -9.60
N LEU B 305 -22.19 14.32 -9.25
CA LEU B 305 -21.87 14.23 -7.83
C LEU B 305 -22.19 15.57 -7.17
N ASP B 306 -21.65 16.63 -7.76
CA ASP B 306 -21.92 17.98 -7.28
C ASP B 306 -23.38 18.35 -7.39
N ARG B 307 -24.21 17.62 -8.12
CA ARG B 307 -25.52 18.19 -8.38
C ARG B 307 -26.24 18.02 -7.06
N GLN B 308 -26.47 16.76 -6.74
CA GLN B 308 -27.06 16.40 -5.47
C GLN B 308 -26.03 15.61 -4.67
N ALA C 4 63.22 25.31 42.61
CA ALA C 4 64.08 24.24 43.20
C ALA C 4 63.34 23.40 44.23
N GLY C 5 62.59 24.03 45.13
CA GLY C 5 61.77 23.30 46.08
C GLY C 5 60.92 22.21 45.44
N SER C 6 60.41 21.27 46.23
CA SER C 6 59.56 20.24 45.63
C SER C 6 58.08 20.61 45.66
N LEU C 7 57.39 20.25 44.59
CA LEU C 7 55.96 20.46 44.55
C LEU C 7 55.24 19.11 44.66
N VAL C 8 54.15 19.10 45.42
CA VAL C 8 53.24 17.98 45.36
C VAL C 8 51.87 18.46 44.94
N VAL C 9 51.33 17.86 43.88
CA VAL C 9 49.99 18.16 43.40
C VAL C 9 49.13 16.96 43.76
N LEU C 10 47.94 17.23 44.29
CA LEU C 10 46.98 16.23 44.63
C LEU C 10 45.73 16.61 43.85
N GLY C 11 45.12 15.67 43.13
CA GLY C 11 43.89 15.93 42.42
C GLY C 11 43.47 14.87 41.41
N SER C 12 42.48 15.21 40.60
CA SER C 12 41.79 14.25 39.78
C SER C 12 42.46 14.00 38.42
N ILE C 13 42.07 12.90 37.80
CA ILE C 13 42.51 12.54 36.45
C ILE C 13 41.24 12.14 35.70
N ASN C 14 41.02 12.69 34.51
CA ASN C 14 39.90 12.30 33.67
C ASN C 14 40.38 12.08 32.27
N ALA C 15 39.61 11.31 31.50
CA ALA C 15 39.66 11.22 30.06
C ALA C 15 38.62 12.19 29.50
N ASP C 16 39.07 13.19 28.76
CA ASP C 16 38.17 14.24 28.30
C ASP C 16 37.61 13.86 26.93
N HIS C 17 36.30 13.87 26.81
CA HIS C 17 35.66 13.71 25.50
C HIS C 17 35.18 15.07 25.06
N ILE C 18 35.83 15.62 24.04
CA ILE C 18 35.63 17.02 23.67
C ILE C 18 35.00 17.19 22.27
N LEU C 19 33.93 17.96 22.21
CA LEU C 19 33.19 18.16 20.96
C LEU C 19 33.12 19.64 20.61
N ASN C 20 33.75 20.00 19.49
CA ASN C 20 33.72 21.39 19.01
C ASN C 20 32.44 21.57 18.19
N LEU C 21 31.68 22.58 18.57
CA LEU C 21 30.48 22.94 17.82
C LEU C 21 30.44 24.47 17.73
N GLN C 22 29.49 25.01 16.98
CA GLN C 22 29.40 26.44 16.80
C GLN C 22 28.64 27.08 17.96
N SER C 23 27.43 26.58 18.23
CA SER C 23 26.67 27.03 19.38
C SER C 23 26.33 25.89 20.34
N PHE C 24 26.40 26.19 21.63
CA PHE C 24 26.00 25.19 22.63
C PHE C 24 24.56 24.74 22.39
N PRO C 25 24.29 23.46 22.55
CA PRO C 25 22.92 22.96 22.41
C PRO C 25 21.98 23.70 23.37
N THR C 26 20.77 24.00 22.90
CA THR C 26 19.65 24.31 23.78
C THR C 26 18.99 23.02 24.25
N PRO C 27 18.28 23.08 25.36
CA PRO C 27 17.55 21.90 25.86
C PRO C 27 16.64 21.39 24.76
N GLY C 28 16.49 20.06 24.70
CA GLY C 28 15.72 19.41 23.68
C GLY C 28 16.43 19.39 22.34
N GLU C 29 17.46 20.23 22.22
CA GLU C 29 18.14 20.44 20.96
C GLU C 29 19.18 19.33 20.73
N THR C 30 19.36 18.96 19.47
CA THR C 30 20.45 18.07 19.09
C THR C 30 21.28 18.68 17.98
N VAL C 31 22.53 18.99 18.27
CA VAL C 31 23.37 19.69 17.30
C VAL C 31 24.49 18.74 16.88
N THR C 32 25.07 18.95 15.70
CA THR C 32 26.26 18.25 15.29
C THR C 32 27.56 19.06 15.20
N GLY C 33 28.61 18.58 15.85
CA GLY C 33 29.83 19.36 15.95
C GLY C 33 30.70 19.21 14.72
N ASN C 34 31.87 19.85 14.72
CA ASN C 34 32.73 19.74 13.57
C ASN C 34 34.04 19.06 13.90
N HIS C 35 34.20 18.67 15.16
CA HIS C 35 35.45 18.06 15.59
C HIS C 35 35.31 17.39 16.96
N TYR C 36 35.94 16.22 17.10
CA TYR C 36 35.72 15.40 18.26
C TYR C 36 37.08 14.90 18.69
N GLN C 37 37.36 14.92 19.98
CA GLN C 37 38.68 14.46 20.42
C GLN C 37 38.62 13.90 21.82
N VAL C 38 39.42 12.88 22.06
CA VAL C 38 39.49 12.29 23.37
C VAL C 38 40.91 12.56 23.85
N ALA C 39 41.06 13.26 24.97
CA ALA C 39 42.38 13.50 25.53
C ALA C 39 42.38 13.50 27.05
N PHE C 40 43.58 13.59 27.58
CA PHE C 40 43.77 13.59 29.02
C PHE C 40 43.40 14.91 29.67
N GLY C 41 42.71 14.82 30.79
CA GLY C 41 42.22 16.00 31.46
C GLY C 41 42.09 15.82 32.95
N GLY C 42 41.23 16.65 33.54
CA GLY C 42 41.03 16.60 34.97
C GLY C 42 41.91 17.67 35.58
N LYS C 43 41.35 18.46 36.49
CA LYS C 43 42.09 19.57 37.07
C LYS C 43 43.39 19.18 37.76
N GLY C 44 43.41 18.08 38.48
CA GLY C 44 44.65 17.72 39.13
C GLY C 44 45.83 17.50 38.16
N ALA C 45 45.57 16.70 37.12
CA ALA C 45 46.64 16.30 36.19
C ALA C 45 46.96 17.44 35.25
N ASN C 46 45.94 18.15 34.79
CA ASN C 46 46.23 19.39 34.10
C ASN C 46 47.22 20.29 34.86
N GLN C 47 46.97 20.48 36.15
CA GLN C 47 47.88 21.35 36.91
C GLN C 47 49.25 20.72 37.10
N ALA C 48 49.29 19.39 37.13
CA ALA C 48 50.55 18.69 37.33
C ALA C 48 51.38 18.78 36.05
N VAL C 49 50.72 18.65 34.91
CA VAL C 49 51.39 18.78 33.62
C VAL C 49 51.89 20.21 33.42
N ALA C 50 51.10 21.20 33.81
CA ALA C 50 51.56 22.57 33.65
C ALA C 50 52.82 22.83 34.46
N ALA C 51 52.84 22.26 35.65
CA ALA C 51 53.97 22.42 36.57
C ALA C 51 55.17 21.64 36.02
N GLY C 52 54.95 20.36 35.74
CA GLY C 52 55.97 19.57 35.03
C GLY C 52 56.57 20.20 33.78
N ARG C 53 55.74 20.58 32.83
CA ARG C 53 56.30 21.12 31.61
C ARG C 53 56.92 22.50 31.88
N SER C 54 56.44 23.20 32.90
CA SER C 54 57.00 24.52 33.30
C SER C 54 58.38 24.40 33.94
N GLY C 55 58.67 23.21 34.43
CA GLY C 55 59.99 23.02 35.01
C GLY C 55 60.05 22.74 36.50
N ALA C 56 58.91 22.44 37.14
CA ALA C 56 58.86 22.18 38.57
C ALA C 56 59.40 20.77 38.85
N ASN C 57 59.89 20.57 40.07
CA ASN C 57 60.20 19.22 40.52
C ASN C 57 58.96 18.74 41.26
N ILE C 58 58.15 17.93 40.61
CA ILE C 58 56.76 17.73 41.03
C ILE C 58 56.40 16.24 41.05
N ALA C 59 55.72 15.87 42.13
CA ALA C 59 55.10 14.56 42.27
C ALA C 59 53.58 14.73 42.34
N PHE C 60 52.86 13.72 41.84
CA PHE C 60 51.40 13.80 41.63
C PHE C 60 50.67 12.72 42.46
N ILE C 61 49.85 13.14 43.41
CA ILE C 61 49.06 12.16 44.14
C ILE C 61 47.68 12.09 43.52
N ALA C 62 47.35 10.93 42.95
CA ALA C 62 46.06 10.70 42.32
C ALA C 62 45.74 9.20 42.25
N CYS C 63 44.56 8.90 41.71
CA CYS C 63 44.17 7.54 41.36
C CYS C 63 43.54 7.42 39.99
N THR C 64 43.96 6.44 39.20
CA THR C 64 43.23 6.02 38.01
C THR C 64 42.38 4.78 38.33
N GLY C 65 41.55 4.38 37.37
CA GLY C 65 40.92 3.07 37.42
C GLY C 65 41.88 2.00 36.89
N ASP C 66 41.45 0.75 36.96
CA ASP C 66 42.27 -0.38 36.51
C ASP C 66 41.99 -0.67 35.05
N ASP C 67 41.67 0.36 34.28
CA ASP C 67 41.31 0.22 32.88
C ASP C 67 42.50 0.59 32.00
N SER C 68 42.37 0.37 30.69
CA SER C 68 43.44 0.67 29.73
C SER C 68 43.72 2.17 29.64
N ILE C 69 42.68 2.99 29.71
CA ILE C 69 42.85 4.43 29.64
C ILE C 69 43.66 4.92 30.85
N GLY C 70 43.37 4.37 32.03
CA GLY C 70 44.21 4.56 33.18
C GLY C 70 45.67 4.26 32.93
N GLU C 71 45.94 3.12 32.28
CA GLU C 71 47.32 2.72 32.00
C GLU C 71 48.00 3.74 31.08
N SER C 72 47.30 4.18 30.03
CA SER C 72 47.85 5.19 29.13
C SER C 72 48.17 6.50 29.85
N VAL C 73 47.24 7.04 30.63
CA VAL C 73 47.49 8.36 31.19
C VAL C 73 48.73 8.36 32.10
N ARG C 74 48.90 7.28 32.85
CA ARG C 74 49.99 7.18 33.81
C ARG C 74 51.28 7.18 33.02
N GLN C 75 51.27 6.47 31.91
CA GLN C 75 52.41 6.48 31.02
C GLN C 75 52.68 7.87 30.42
N GLN C 76 51.66 8.52 29.88
CA GLN C 76 51.81 9.90 29.40
C GLN C 76 52.35 10.84 30.50
N LEU C 77 51.77 10.74 31.70
CA LEU C 77 52.13 11.65 32.77
C LEU C 77 53.60 11.56 33.08
N ALA C 78 54.18 10.37 32.88
CA ALA C 78 55.57 10.19 33.22
C ALA C 78 56.48 10.91 32.23
N THR C 79 56.01 11.17 31.01
CA THR C 79 56.84 11.87 30.02
C THR C 79 56.65 13.39 30.12
N ASP C 80 55.78 13.82 31.03
CA ASP C 80 55.58 15.23 31.29
C ASP C 80 56.39 15.75 32.48
N ASN C 81 57.47 15.06 32.82
CA ASN C 81 58.34 15.46 33.93
C ASN C 81 57.65 15.39 35.30
N ILE C 82 56.70 14.48 35.44
CA ILE C 82 56.01 14.28 36.70
C ILE C 82 56.48 12.96 37.28
N ASP C 83 56.64 12.91 38.60
CA ASP C 83 56.88 11.68 39.35
C ASP C 83 55.53 11.08 39.71
N ILE C 84 55.20 9.92 39.13
CA ILE C 84 53.87 9.33 39.26
C ILE C 84 53.79 8.17 40.24
N THR C 85 54.86 8.01 41.02
CA THR C 85 54.89 7.02 42.08
C THR C 85 53.61 7.02 42.94
N PRO C 86 53.13 8.18 43.36
CA PRO C 86 51.91 8.19 44.16
C PRO C 86 50.63 8.21 43.36
N VAL C 87 50.64 7.78 42.11
CA VAL C 87 49.38 7.63 41.39
C VAL C 87 48.90 6.20 41.57
N SER C 88 47.78 6.03 42.26
CA SER C 88 47.29 4.71 42.61
C SER C 88 46.40 4.15 41.53
N VAL C 89 46.36 2.82 41.46
CA VAL C 89 45.44 2.12 40.56
C VAL C 89 44.33 1.45 41.36
N ILE C 90 43.12 2.00 41.30
CA ILE C 90 42.00 1.44 42.05
C ILE C 90 41.34 0.28 41.31
N LYS C 91 41.35 -0.89 41.93
CA LYS C 91 40.79 -2.11 41.32
C LYS C 91 39.28 -2.08 41.35
N GLY C 92 38.65 -2.24 40.18
CA GLY C 92 37.20 -2.34 40.14
C GLY C 92 36.43 -1.05 39.88
N GLU C 93 37.18 0.03 39.62
CA GLU C 93 36.56 1.29 39.23
C GLU C 93 37.18 1.79 37.94
N SER C 94 36.44 2.63 37.24
CA SER C 94 36.87 3.24 35.99
C SER C 94 37.49 4.61 36.24
N THR C 95 38.36 4.98 35.31
CA THR C 95 39.01 6.28 35.35
C THR C 95 37.96 7.35 35.17
N GLY C 96 38.15 8.48 35.83
CA GLY C 96 37.16 9.54 35.71
C GLY C 96 36.97 10.07 34.29
N VAL C 97 35.77 10.58 34.02
CA VAL C 97 35.42 11.01 32.68
C VAL C 97 34.86 12.43 32.68
N ALA C 98 35.19 13.19 31.65
CA ALA C 98 34.55 14.47 31.45
C ALA C 98 33.94 14.55 30.05
N LEU C 99 32.74 15.14 29.96
CA LEU C 99 32.11 15.37 28.69
C LEU C 99 32.14 16.88 28.47
N ILE C 100 32.61 17.30 27.30
CA ILE C 100 32.89 18.72 27.07
C ILE C 100 32.47 19.25 25.71
N PHE C 101 31.63 20.28 25.69
CA PHE C 101 31.38 21.13 24.53
C PHE C 101 32.23 22.40 24.49
N VAL C 102 32.91 22.64 23.37
CA VAL C 102 33.59 23.90 23.03
C VAL C 102 32.90 24.61 21.84
N ASN C 103 32.33 25.78 22.05
CA ASN C 103 31.75 26.59 20.97
C ASN C 103 32.75 27.37 20.12
N GLY C 104 32.24 28.26 19.27
CA GLY C 104 33.07 28.97 18.32
C GLY C 104 33.99 30.00 18.94
N GLU C 105 33.54 30.60 20.05
CA GLU C 105 34.35 31.57 20.78
C GLU C 105 35.37 30.86 21.67
N GLY C 106 35.41 29.54 21.61
CA GLY C 106 36.32 28.78 22.45
C GLY C 106 35.86 28.62 23.89
N GLU C 107 34.65 29.08 24.19
CA GLU C 107 34.04 28.87 25.49
C GLU C 107 33.68 27.40 25.62
N ASN C 108 33.61 26.91 26.87
CA ASN C 108 33.35 25.50 27.11
C ASN C 108 32.41 25.15 28.27
N VAL C 109 31.68 24.05 28.12
CA VAL C 109 30.84 23.51 29.18
C VAL C 109 31.35 22.11 29.51
N ILE C 110 31.31 21.75 30.79
CA ILE C 110 31.96 20.53 31.20
C ILE C 110 31.12 19.80 32.24
N GLY C 111 30.83 18.52 32.01
CA GLY C 111 30.23 17.66 33.01
C GLY C 111 31.15 16.51 33.39
N ILE C 112 31.17 16.11 34.66
CA ILE C 112 32.06 15.00 35.03
C ILE C 112 31.48 13.85 35.81
N HIS C 113 32.16 12.72 35.63
CA HIS C 113 31.87 11.49 36.36
C HIS C 113 33.14 11.11 37.08
N ALA C 114 33.04 11.09 38.41
CA ALA C 114 34.22 11.04 39.25
C ALA C 114 35.01 9.77 39.04
N GLY C 115 34.30 8.63 38.92
CA GLY C 115 34.97 7.34 38.92
C GLY C 115 36.06 7.21 39.98
N ALA C 116 37.22 6.68 39.61
CA ALA C 116 38.26 6.39 40.58
C ALA C 116 38.75 7.59 41.38
N ASN C 117 38.45 8.80 40.88
CA ASN C 117 38.82 10.01 41.59
C ASN C 117 38.14 10.09 42.95
N ALA C 118 37.04 9.37 43.12
CA ALA C 118 36.29 9.49 44.38
C ALA C 118 36.92 8.60 45.45
N ALA C 119 37.98 7.90 45.09
CA ALA C 119 38.55 6.96 46.03
C ALA C 119 39.89 7.49 46.53
N LEU C 120 40.25 8.70 46.09
CA LEU C 120 41.46 9.32 46.61
C LEU C 120 41.08 9.77 48.04
N SER C 121 41.42 8.90 48.99
CA SER C 121 40.90 8.97 50.37
C SER C 121 41.89 9.53 51.38
N PRO C 122 41.38 9.83 52.56
CA PRO C 122 42.24 10.20 53.70
C PRO C 122 43.33 9.16 53.87
N ALA C 123 42.97 7.90 53.74
CA ALA C 123 43.90 6.82 53.95
C ALA C 123 45.05 6.91 52.96
N LEU C 124 44.72 7.21 51.71
CA LEU C 124 45.76 7.36 50.71
C LEU C 124 46.55 8.63 50.99
N VAL C 125 45.90 9.63 51.53
CA VAL C 125 46.59 10.87 51.84
C VAL C 125 47.61 10.59 52.93
N GLU C 126 47.19 9.87 53.96
CA GLU C 126 48.06 9.55 55.10
C GLU C 126 49.29 8.77 54.69
N ALA C 127 49.10 7.89 53.72
CA ALA C 127 50.21 7.12 53.20
C ALA C 127 51.26 8.00 52.54
N GLN C 128 50.91 9.25 52.21
CA GLN C 128 51.89 10.12 51.59
C GLN C 128 52.41 11.17 52.59
N ARG C 129 52.14 10.97 53.87
CA ARG C 129 52.48 11.98 54.87
C ARG C 129 53.91 12.53 54.77
N GLU C 130 54.89 11.68 54.53
CA GLU C 130 56.28 12.12 54.44
C GLU C 130 56.54 12.95 53.17
N ARG C 131 55.98 12.51 52.04
CA ARG C 131 56.10 13.25 50.79
C ARG C 131 55.56 14.67 50.95
N ILE C 132 54.37 14.79 51.53
CA ILE C 132 53.76 16.10 51.68
C ILE C 132 54.58 16.93 52.65
N ALA C 133 54.90 16.28 53.76
CA ALA C 133 55.67 16.90 54.84
C ALA C 133 57.02 17.38 54.36
N ASN C 134 57.59 16.74 53.34
CA ASN C 134 58.91 17.18 52.89
C ASN C 134 58.83 18.13 51.70
N ALA C 135 57.63 18.50 51.26
CA ALA C 135 57.46 19.33 50.07
C ALA C 135 57.59 20.81 50.43
N SER C 136 58.08 21.62 49.49
CA SER C 136 58.00 23.06 49.72
C SER C 136 56.54 23.50 49.52
N ALA C 137 55.77 22.81 48.70
CA ALA C 137 54.38 23.25 48.50
C ALA C 137 53.41 22.16 48.10
N LEU C 138 52.14 22.38 48.42
CA LEU C 138 51.10 21.41 48.10
C LEU C 138 50.04 22.16 47.33
N LEU C 139 49.77 21.74 46.08
CA LEU C 139 48.72 22.36 45.26
C LEU C 139 47.52 21.42 45.06
N MET C 140 46.32 21.94 45.29
CA MET C 140 45.11 21.10 45.17
C MET C 140 43.95 21.83 44.55
N GLN C 141 42.99 21.05 44.04
CA GLN C 141 41.75 21.62 43.56
C GLN C 141 40.61 20.94 44.32
N LEU C 142 39.39 21.08 43.82
CA LEU C 142 38.22 20.52 44.48
C LEU C 142 37.51 19.47 43.62
N GLU C 143 38.24 18.71 42.83
CA GLU C 143 37.59 17.62 42.10
C GLU C 143 37.98 16.31 42.80
N SER C 144 38.54 16.44 44.00
CA SER C 144 38.79 15.29 44.84
C SER C 144 37.87 15.39 46.06
N PRO C 145 37.78 14.31 46.83
CA PRO C 145 36.95 14.34 48.06
C PRO C 145 37.46 15.39 49.06
N LEU C 146 36.57 16.27 49.47
CA LEU C 146 36.89 17.34 50.40
C LEU C 146 37.61 16.89 51.68
N GLU C 147 37.26 15.69 52.18
CA GLU C 147 37.90 15.10 53.37
C GLU C 147 39.38 14.85 53.09
N SER C 148 39.66 14.47 51.84
CA SER C 148 41.02 14.21 51.48
C SER C 148 41.81 15.52 51.42
N VAL C 149 41.24 16.54 50.81
CA VAL C 149 41.93 17.81 50.62
C VAL C 149 42.23 18.43 51.98
N MET C 150 41.29 18.27 52.90
CA MET C 150 41.46 18.76 54.27
C MET C 150 42.57 17.98 54.97
N ALA C 151 42.59 16.67 54.76
CA ALA C 151 43.63 15.84 55.34
C ALA C 151 45.02 16.20 54.85
N ALA C 152 45.14 16.54 53.56
CA ALA C 152 46.47 16.94 53.08
C ALA C 152 46.86 18.31 53.61
N ALA C 153 45.91 19.24 53.59
CA ALA C 153 46.11 20.56 54.16
C ALA C 153 46.66 20.49 55.60
N LYS C 154 46.02 19.72 56.49
CA LYS C 154 46.49 19.59 57.89
C LYS C 154 47.95 19.18 57.94
N ILE C 155 48.27 18.08 57.27
CA ILE C 155 49.67 17.70 57.10
C ILE C 155 50.61 18.80 56.61
N ALA C 156 50.22 19.50 55.54
CA ALA C 156 51.07 20.55 55.01
C ALA C 156 51.30 21.66 56.04
N HIS C 157 50.21 22.08 56.67
CA HIS C 157 50.29 23.15 57.64
C HIS C 157 51.27 22.80 58.77
N GLN C 158 51.15 21.58 59.27
CA GLN C 158 51.96 21.15 60.39
C GLN C 158 53.42 21.06 60.02
N ASN C 159 53.73 20.93 58.73
CA ASN C 159 55.12 20.74 58.36
C ASN C 159 55.67 21.88 57.54
N LYS C 160 55.02 23.04 57.61
CA LYS C 160 55.51 24.28 56.97
C LYS C 160 55.63 24.09 55.45
N THR C 161 54.71 23.28 54.91
CA THR C 161 54.54 23.17 53.47
C THR C 161 53.46 24.17 53.07
N ILE C 162 53.74 24.98 52.06
CA ILE C 162 52.75 25.89 51.47
C ILE C 162 51.54 25.17 50.86
N VAL C 163 50.35 25.66 51.19
CA VAL C 163 49.10 25.09 50.75
C VAL C 163 48.49 26.05 49.74
N ALA C 164 48.44 25.64 48.48
CA ALA C 164 47.87 26.44 47.41
C ALA C 164 46.61 25.72 46.97
N LEU C 165 45.49 26.41 47.00
CA LEU C 165 44.21 25.82 46.66
C LEU C 165 43.58 26.59 45.53
N ASN C 166 43.28 25.88 44.44
CA ASN C 166 42.41 26.36 43.37
C ASN C 166 41.01 25.81 43.65
N PRO C 167 40.15 26.66 44.17
CA PRO C 167 38.83 26.21 44.64
C PRO C 167 37.89 26.00 43.48
N ALA C 168 38.16 24.99 42.66
CA ALA C 168 37.31 24.75 41.50
C ALA C 168 37.16 23.26 41.43
N PRO C 169 36.00 22.79 41.00
CA PRO C 169 34.85 23.65 40.70
C PRO C 169 34.26 24.35 41.91
N ALA C 170 33.51 25.41 41.66
CA ALA C 170 32.98 26.27 42.72
C ALA C 170 32.14 25.52 43.76
N ARG C 171 32.24 25.97 45.00
CA ARG C 171 31.33 25.51 46.04
C ARG C 171 31.76 26.21 47.32
N GLU C 172 31.04 25.96 48.41
CA GLU C 172 31.42 26.58 49.66
C GLU C 172 32.48 25.71 50.30
N LEU C 173 33.38 26.34 51.03
CA LEU C 173 34.33 25.58 51.80
C LEU C 173 34.16 25.99 53.24
N PRO C 174 34.42 25.04 54.12
CA PRO C 174 34.36 25.30 55.56
C PRO C 174 35.52 26.18 56.01
N ASP C 175 35.24 27.05 56.98
CA ASP C 175 36.27 27.91 57.53
C ASP C 175 37.49 27.13 57.97
N GLU C 176 37.28 25.95 58.53
CA GLU C 176 38.38 25.12 58.99
C GLU C 176 39.39 24.84 57.87
N LEU C 177 38.93 24.61 56.64
CA LEU C 177 39.88 24.37 55.56
C LEU C 177 40.53 25.68 55.10
N LEU C 178 39.71 26.70 54.88
CA LEU C 178 40.20 28.00 54.48
C LEU C 178 41.33 28.53 55.38
N ALA C 179 41.36 28.14 56.65
CA ALA C 179 42.35 28.67 57.59
C ALA C 179 43.74 28.10 57.37
N LEU C 180 43.81 27.00 56.64
CA LEU C 180 45.09 26.36 56.35
C LEU C 180 45.67 26.79 54.99
N VAL C 181 44.94 27.56 54.21
CA VAL C 181 45.36 27.81 52.85
C VAL C 181 46.32 29.01 52.85
N ASP C 182 47.45 28.90 52.17
CA ASP C 182 48.37 30.04 52.12
C ASP C 182 48.09 30.90 50.91
N ILE C 183 47.79 30.25 49.77
CA ILE C 183 47.47 30.92 48.51
C ILE C 183 46.20 30.31 47.94
N ILE C 184 45.20 31.14 47.59
CA ILE C 184 44.01 30.70 46.90
C ILE C 184 43.83 31.45 45.57
N THR C 185 43.32 30.74 44.56
CA THR C 185 43.13 31.34 43.23
C THR C 185 41.75 31.15 42.66
N PRO C 186 40.73 31.77 43.24
CA PRO C 186 39.36 31.69 42.70
C PRO C 186 39.21 32.56 41.45
N ASN C 187 38.28 32.17 40.57
CA ASN C 187 37.78 33.09 39.57
C ASN C 187 36.61 33.89 40.21
N GLU C 188 35.90 34.68 39.42
CA GLU C 188 34.95 35.65 39.96
C GLU C 188 33.78 34.92 40.54
N THR C 189 33.30 33.93 39.80
CA THR C 189 32.24 33.07 40.30
C THR C 189 32.66 32.42 41.60
N GLU C 190 33.86 31.87 41.64
CA GLU C 190 34.28 31.22 42.87
C GLU C 190 34.40 32.16 44.06
N ALA C 191 34.91 33.35 43.77
CA ALA C 191 35.15 34.28 44.85
C ALA C 191 33.77 34.54 45.44
N GLU C 192 32.81 34.67 44.54
CA GLU C 192 31.44 34.98 44.93
C GLU C 192 30.87 33.90 45.83
N LYS C 193 30.99 32.66 45.41
CA LYS C 193 30.42 31.60 46.21
C LYS C 193 31.14 31.56 47.54
N LEU C 194 32.44 31.88 47.56
CA LEU C 194 33.17 31.77 48.82
C LEU C 194 32.93 32.92 49.79
N THR C 195 32.72 34.14 49.29
CA THR C 195 32.65 35.33 50.15
C THR C 195 31.28 35.98 50.20
N GLY C 196 30.46 35.74 49.18
CA GLY C 196 29.14 36.35 49.14
C GLY C 196 29.17 37.69 48.43
N ILE C 197 30.32 38.03 47.87
CA ILE C 197 30.48 39.31 47.19
C ILE C 197 30.66 39.08 45.70
N ARG C 198 29.73 39.58 44.89
CA ARG C 198 29.85 39.55 43.44
C ARG C 198 31.08 40.35 43.02
N VAL C 199 31.87 39.80 42.11
CA VAL C 199 33.08 40.49 41.72
C VAL C 199 32.94 40.92 40.28
N GLU C 200 32.93 42.24 40.05
CA GLU C 200 32.67 42.78 38.73
C GLU C 200 33.64 43.93 38.38
N ASN C 201 34.37 44.40 39.36
CA ASN C 201 35.36 45.44 39.14
C ASN C 201 36.42 45.29 40.21
N ASP C 202 37.45 46.10 40.09
CA ASP C 202 38.63 46.01 40.91
C ASP C 202 38.28 46.19 42.39
N GLU C 203 37.34 47.08 42.66
CA GLU C 203 36.97 47.36 44.03
C GLU C 203 36.28 46.14 44.66
N ASP C 204 35.26 45.61 43.99
CA ASP C 204 34.58 44.40 44.46
C ASP C 204 35.60 43.30 44.78
N ALA C 205 36.65 43.19 43.98
CA ALA C 205 37.55 42.06 44.15
C ALA C 205 38.38 42.31 45.39
N ALA C 206 38.69 43.56 45.65
CA ALA C 206 39.40 43.88 46.88
C ALA C 206 38.60 43.45 48.12
N LYS C 207 37.28 43.67 48.05
CA LYS C 207 36.36 43.38 49.16
C LYS C 207 36.22 41.87 49.34
N ALA C 208 36.19 41.13 48.25
CA ALA C 208 36.17 39.67 48.34
C ALA C 208 37.49 39.14 48.85
N ALA C 209 38.59 39.72 48.36
CA ALA C 209 39.87 39.33 48.91
C ALA C 209 39.97 39.51 50.43
N GLN C 210 39.48 40.64 50.92
CA GLN C 210 39.54 40.95 52.36
C GLN C 210 38.81 39.86 53.16
N VAL C 211 37.67 39.42 52.69
CA VAL C 211 37.00 38.31 53.35
C VAL C 211 37.90 37.07 53.38
N LEU C 212 38.64 36.79 52.30
CA LEU C 212 39.49 35.60 52.34
C LEU C 212 40.68 35.79 53.27
N HIS C 213 41.29 36.98 53.24
CA HIS C 213 42.36 37.28 54.20
C HIS C 213 41.89 37.18 55.67
N GLU C 214 40.65 37.59 55.95
CA GLU C 214 40.14 37.56 57.33
C GLU C 214 39.88 36.12 57.78
N LYS C 215 39.65 35.24 56.80
CA LYS C 215 39.47 33.83 57.09
C LYS C 215 40.84 33.19 57.23
N GLY C 216 41.88 33.98 57.00
CA GLY C 216 43.24 33.53 57.29
C GLY C 216 44.11 33.19 56.10
N ILE C 217 43.65 33.53 54.89
CA ILE C 217 44.47 33.30 53.70
C ILE C 217 45.31 34.52 53.39
N ARG C 218 46.60 34.36 53.55
CA ARG C 218 47.46 35.50 53.35
C ARG C 218 47.47 36.00 51.88
N THR C 219 47.57 35.11 50.90
CA THR C 219 47.65 35.56 49.50
C THR C 219 46.44 35.13 48.67
N VAL C 220 45.75 36.11 48.11
CA VAL C 220 44.57 35.84 47.32
C VAL C 220 44.74 36.42 45.94
N LEU C 221 44.56 35.57 44.94
CA LEU C 221 44.56 35.98 43.53
C LEU C 221 43.20 35.67 42.92
N ILE C 222 42.48 36.70 42.48
CA ILE C 222 41.20 36.49 41.85
C ILE C 222 41.29 36.74 40.35
N THR C 223 40.94 35.73 39.56
CA THR C 223 41.05 35.88 38.13
C THR C 223 39.83 36.65 37.65
N LEU C 224 40.04 37.62 36.77
CA LEU C 224 39.01 38.58 36.42
C LEU C 224 38.71 38.45 34.94
N GLY C 225 39.12 37.34 34.33
CA GLY C 225 38.70 37.04 32.97
C GLY C 225 39.69 37.54 31.96
N SER C 226 39.33 38.63 31.29
CA SER C 226 40.19 39.24 30.27
C SER C 226 41.00 40.35 30.94
N ARG C 227 40.52 40.79 32.09
CA ARG C 227 41.16 41.86 32.82
C ARG C 227 42.36 41.40 33.62
N GLY C 228 42.71 40.12 33.59
CA GLY C 228 43.88 39.73 34.34
C GLY C 228 43.50 39.08 35.66
N VAL C 229 44.28 39.39 36.69
CA VAL C 229 44.00 38.88 38.01
C VAL C 229 44.18 39.98 39.05
N TRP C 230 43.40 39.93 40.12
CA TRP C 230 43.63 40.83 41.26
C TRP C 230 44.54 40.11 42.27
N ALA C 231 45.75 40.61 42.45
CA ALA C 231 46.70 40.03 43.38
C ALA C 231 46.62 40.72 44.73
N SER C 232 46.36 39.97 45.79
CA SER C 232 46.28 40.64 47.09
C SER C 232 47.03 39.89 48.16
N VAL C 233 47.94 40.58 48.84
CA VAL C 233 48.68 40.02 49.97
C VAL C 233 48.32 40.80 51.23
N ASN C 234 47.71 40.11 52.20
CA ASN C 234 47.12 40.74 53.38
C ASN C 234 46.68 42.18 53.13
N GLY C 235 45.77 42.34 52.18
CA GLY C 235 45.07 43.59 51.95
C GLY C 235 45.80 44.56 51.04
N GLU C 236 47.03 44.28 50.69
CA GLU C 236 47.69 45.11 49.69
C GLU C 236 47.43 44.50 48.33
N GLY C 237 46.46 45.04 47.60
CA GLY C 237 46.12 44.47 46.31
C GLY C 237 46.47 45.31 45.09
N GLN C 238 46.72 44.64 43.96
CA GLN C 238 46.85 45.31 42.67
C GLN C 238 46.38 44.41 41.54
N ARG C 239 45.88 45.03 40.48
CA ARG C 239 45.58 44.32 39.25
C ARG C 239 46.85 44.05 38.44
N VAL C 240 47.04 42.77 38.11
CA VAL C 240 48.03 42.33 37.13
C VAL C 240 47.37 41.75 35.86
N PRO C 241 47.40 42.55 34.79
CA PRO C 241 46.82 42.21 33.48
C PRO C 241 47.44 40.98 32.84
N GLY C 242 46.68 40.26 32.02
CA GLY C 242 47.21 39.13 31.27
C GLY C 242 47.67 39.57 29.89
N PHE C 243 47.84 38.61 29.00
CA PHE C 243 48.29 38.93 27.67
C PHE C 243 47.17 38.49 26.72
N ARG C 244 46.34 39.41 26.27
CA ARG C 244 45.23 39.02 25.40
C ARG C 244 45.66 38.42 24.06
N VAL C 245 45.02 37.32 23.69
CA VAL C 245 45.27 36.74 22.38
C VAL C 245 43.98 36.09 21.95
N GLN C 246 43.86 35.84 20.65
CA GLN C 246 42.66 35.21 20.11
C GLN C 246 42.58 33.76 20.58
N ALA C 247 41.64 33.46 21.46
CA ALA C 247 41.47 32.11 21.99
C ALA C 247 40.87 31.11 20.99
N VAL C 248 41.30 29.86 21.02
CA VAL C 248 40.63 28.84 20.23
C VAL C 248 39.98 27.78 21.14
N ASP C 249 40.25 27.87 22.42
CA ASP C 249 39.86 26.82 23.36
C ASP C 249 40.39 27.18 24.75
N THR C 250 39.51 27.51 25.69
CA THR C 250 39.98 27.89 27.00
C THR C 250 40.03 26.78 28.05
N ILE C 251 39.92 25.53 27.61
CA ILE C 251 39.88 24.44 28.58
C ILE C 251 41.24 24.48 29.27
N ALA C 252 41.27 24.38 30.60
CA ALA C 252 42.58 24.28 31.25
C ALA C 252 43.39 25.57 31.33
N ALA C 253 42.80 26.71 30.99
CA ALA C 253 43.61 27.91 31.00
C ALA C 253 43.92 28.21 32.47
N GLY C 254 42.92 28.00 33.33
CA GLY C 254 43.03 28.14 34.77
C GLY C 254 43.99 27.12 35.36
N ASP C 255 43.83 25.88 34.92
CA ASP C 255 44.76 24.83 35.27
C ASP C 255 46.22 25.18 35.00
N THR C 256 46.48 25.67 33.79
CA THR C 256 47.82 26.00 33.35
C THR C 256 48.36 27.16 34.19
N PHE C 257 47.51 28.15 34.38
CA PHE C 257 47.86 29.28 35.21
C PHE C 257 48.31 28.87 36.62
N ASN C 258 47.56 27.98 37.27
CA ASN C 258 47.94 27.51 38.60
C ASN C 258 49.23 26.71 38.68
N GLY C 259 49.46 25.84 37.70
CA GLY C 259 50.65 25.00 37.74
C GLY C 259 51.88 25.84 37.52
N ALA C 260 51.85 26.68 36.48
CA ALA C 260 52.98 27.59 36.20
C ALA C 260 53.24 28.62 37.29
N LEU C 261 52.19 29.14 37.91
CA LEU C 261 52.35 30.11 38.96
C LEU C 261 53.18 29.48 40.11
N ILE C 262 52.77 28.31 40.59
CA ILE C 262 53.53 27.65 41.65
C ILE C 262 54.96 27.30 41.25
N THR C 263 55.20 26.89 40.01
CA THR C 263 56.59 26.67 39.56
C THR C 263 57.41 27.95 39.73
N ALA C 264 56.85 29.08 39.30
CA ALA C 264 57.61 30.30 39.26
C ALA C 264 57.85 30.75 40.70
N LEU C 265 56.84 30.62 41.55
CA LEU C 265 57.01 31.01 42.95
C LEU C 265 58.09 30.14 43.62
N LEU C 266 58.10 28.85 43.30
CA LEU C 266 59.08 28.01 43.97
C LEU C 266 60.44 28.38 43.39
N GLU C 267 60.49 29.10 42.28
CA GLU C 267 61.79 29.48 41.76
C GLU C 267 62.24 30.82 42.34
N GLU C 268 61.47 31.31 43.32
CA GLU C 268 61.80 32.51 44.05
C GLU C 268 61.50 33.81 43.31
N LYS C 269 60.69 33.74 42.25
CA LYS C 269 60.28 34.96 41.56
C LYS C 269 59.22 35.60 42.42
N PRO C 270 59.33 36.90 42.61
CA PRO C 270 58.34 37.61 43.42
C PRO C 270 56.99 37.53 42.73
N LEU C 271 55.91 37.76 43.48
CA LEU C 271 54.56 37.46 43.08
C LEU C 271 54.18 37.99 41.69
N PRO C 272 54.38 39.27 41.45
CA PRO C 272 53.98 39.88 40.18
C PRO C 272 54.69 39.18 39.03
N GLU C 273 55.98 38.93 39.16
CA GLU C 273 56.69 38.23 38.09
C GLU C 273 56.12 36.81 37.93
N ALA C 274 55.88 36.11 39.05
CA ALA C 274 55.28 34.79 38.94
C ALA C 274 53.92 34.81 38.24
N ILE C 275 53.05 35.75 38.63
CA ILE C 275 51.77 35.90 37.96
C ILE C 275 51.98 36.07 36.45
N ARG C 276 52.96 36.88 36.09
CA ARG C 276 53.21 37.20 34.70
C ARG C 276 53.61 35.94 33.93
N PHE C 277 54.50 35.16 34.51
CA PHE C 277 54.95 33.91 33.90
C PHE C 277 53.72 33.01 33.72
N ALA C 278 52.80 33.10 34.66
CA ALA C 278 51.67 32.19 34.69
C ALA C 278 50.70 32.68 33.61
N HIS C 279 50.56 33.99 33.51
CA HIS C 279 49.80 34.56 32.41
C HIS C 279 50.35 34.18 31.05
N ALA C 280 51.66 34.15 30.88
CA ALA C 280 52.16 33.83 29.55
C ALA C 280 51.85 32.36 29.22
N ALA C 281 51.97 31.49 30.23
CA ALA C 281 51.74 30.07 30.01
C ALA C 281 50.27 29.87 29.65
N ALA C 282 49.35 30.57 30.34
CA ALA C 282 47.94 30.35 30.02
C ALA C 282 47.59 30.84 28.59
N ALA C 283 48.18 31.96 28.20
CA ALA C 283 47.92 32.59 26.92
C ALA C 283 48.25 31.63 25.77
N ILE C 284 49.42 30.99 25.87
CA ILE C 284 49.75 29.94 24.93
C ILE C 284 48.71 28.81 25.01
N ALA C 285 48.31 28.45 26.20
CA ALA C 285 47.37 27.34 26.32
C ALA C 285 46.05 27.66 25.59
N VAL C 286 45.60 28.90 25.63
CA VAL C 286 44.31 29.15 25.00
C VAL C 286 44.44 29.12 23.48
N THR C 287 45.65 29.10 22.94
CA THR C 287 45.72 29.03 21.47
C THR C 287 45.79 27.61 20.92
N ARG C 288 45.74 26.61 21.79
CA ARG C 288 45.90 25.21 21.35
C ARG C 288 44.68 24.40 21.77
N LYS C 289 44.38 23.31 21.06
CA LYS C 289 43.18 22.51 21.31
C LYS C 289 43.34 21.56 22.49
N GLY C 290 42.25 21.29 23.20
CA GLY C 290 42.27 20.25 24.22
C GLY C 290 42.85 20.72 25.53
N ALA C 291 42.96 19.82 26.51
CA ALA C 291 43.48 20.26 27.80
C ALA C 291 44.96 19.98 28.02
N GLN C 292 45.34 18.77 28.38
CA GLN C 292 46.77 18.52 28.50
C GLN C 292 47.58 18.81 27.28
N PRO C 293 47.06 18.49 26.11
CA PRO C 293 47.81 18.78 24.87
C PRO C 293 48.10 20.26 24.66
N SER C 294 47.36 21.14 25.31
CA SER C 294 47.56 22.56 25.09
C SER C 294 48.61 23.16 26.03
N VAL C 295 49.03 22.41 27.01
CA VAL C 295 49.90 22.95 28.05
C VAL C 295 51.31 23.11 27.51
N PRO C 296 51.86 24.32 27.57
CA PRO C 296 53.18 24.59 26.98
C PRO C 296 54.36 24.26 27.85
N TRP C 297 55.54 24.14 27.22
CA TRP C 297 56.78 23.77 27.88
C TRP C 297 57.53 25.04 28.26
N ARG C 298 58.44 24.91 29.22
CA ARG C 298 59.19 26.04 29.71
C ARG C 298 59.84 26.90 28.62
N GLU C 299 60.47 26.27 27.64
CA GLU C 299 61.10 27.00 26.54
C GLU C 299 60.12 27.86 25.75
N GLU C 300 58.93 27.35 25.52
CA GLU C 300 57.91 28.17 24.87
C GLU C 300 57.50 29.32 25.78
N ILE C 301 57.25 29.04 27.06
CA ILE C 301 56.73 30.08 27.95
C ILE C 301 57.74 31.22 27.99
N ASP C 302 59.02 30.88 28.01
CA ASP C 302 60.07 31.87 28.11
C ASP C 302 60.30 32.66 26.83
N ALA C 303 59.98 32.07 25.68
CA ALA C 303 60.18 32.80 24.45
C ALA C 303 59.04 33.82 24.32
N PHE C 304 57.85 33.40 24.74
CA PHE C 304 56.69 34.28 24.75
C PHE C 304 56.98 35.44 25.68
N LEU C 305 57.37 35.13 26.92
CA LEU C 305 57.56 36.15 27.94
C LEU C 305 58.68 37.12 27.58
N ASP C 306 59.76 36.62 26.99
CA ASP C 306 60.88 37.48 26.62
C ASP C 306 60.51 38.48 25.53
N ARG C 307 59.31 38.36 24.97
CA ARG C 307 58.89 39.35 24.00
C ARG C 307 57.94 40.34 24.67
N GLN C 308 57.48 40.00 25.87
CA GLN C 308 56.52 40.86 26.56
C GLN C 308 57.16 41.72 27.62
N ARG C 309 58.39 41.43 28.00
CA ARG C 309 58.98 42.08 29.17
C ARG C 309 60.46 41.83 29.36
N ALA D 4 4.39 -10.30 7.15
CA ALA D 4 4.71 -8.83 7.24
C ALA D 4 5.87 -8.41 6.32
N GLY D 5 5.55 -7.58 5.33
CA GLY D 5 6.53 -7.04 4.41
C GLY D 5 7.86 -6.74 5.09
N SER D 6 8.91 -6.67 4.31
CA SER D 6 10.21 -6.46 4.85
C SER D 6 10.48 -4.97 5.00
N LEU D 7 11.19 -4.63 6.06
CA LEU D 7 11.58 -3.25 6.32
C LEU D 7 13.08 -3.05 6.15
N VAL D 8 13.44 -1.97 5.46
CA VAL D 8 14.82 -1.51 5.42
C VAL D 8 14.87 -0.20 6.22
N VAL D 9 15.79 -0.13 7.18
CA VAL D 9 16.05 1.11 7.89
C VAL D 9 17.42 1.60 7.42
N LEU D 10 17.56 2.89 7.20
CA LEU D 10 18.85 3.41 6.82
C LEU D 10 19.10 4.62 7.69
N GLY D 11 20.24 4.62 8.37
CA GLY D 11 20.46 5.64 9.38
C GLY D 11 21.75 5.43 10.17
N SER D 12 21.86 6.19 11.24
CA SER D 12 23.12 6.28 11.95
C SER D 12 23.24 5.30 13.09
N ILE D 13 24.49 5.08 13.47
CA ILE D 13 24.85 4.34 14.67
C ILE D 13 25.75 5.21 15.55
N ASN D 14 25.46 5.29 16.84
CA ASN D 14 26.27 6.12 17.74
C ASN D 14 26.63 5.33 18.97
N ALA D 15 27.80 5.62 19.52
CA ALA D 15 28.09 5.34 20.91
C ALA D 15 27.62 6.50 21.80
N ASP D 16 26.62 6.24 22.64
CA ASP D 16 26.13 7.25 23.58
C ASP D 16 26.89 7.26 24.91
N HIS D 17 27.34 8.46 25.26
CA HIS D 17 27.91 8.74 26.56
C HIS D 17 26.91 9.61 27.32
N ILE D 18 26.32 9.08 28.39
CA ILE D 18 25.20 9.76 29.04
C ILE D 18 25.63 10.08 30.46
N LEU D 19 25.63 11.37 30.78
CA LEU D 19 25.89 11.79 32.14
C LEU D 19 24.62 12.39 32.73
N ASN D 20 24.11 11.77 33.78
CA ASN D 20 23.00 12.37 34.53
C ASN D 20 23.54 13.44 35.48
N LEU D 21 22.88 14.60 35.51
CA LEU D 21 23.32 15.68 36.37
C LEU D 21 22.18 16.60 36.81
N GLN D 22 22.35 17.20 37.98
CA GLN D 22 21.28 17.96 38.61
C GLN D 22 20.81 19.04 37.63
N SER D 23 21.74 19.88 37.20
CA SER D 23 21.44 20.88 36.19
C SER D 23 22.51 21.03 35.11
N PHE D 24 22.09 21.53 33.96
CA PHE D 24 22.99 21.79 32.84
C PHE D 24 24.16 22.72 33.14
N PRO D 25 25.33 22.23 32.79
CA PRO D 25 26.59 22.95 33.00
C PRO D 25 26.47 24.29 32.33
N THR D 26 26.92 25.33 33.04
CA THR D 26 26.98 26.65 32.44
C THR D 26 28.38 26.94 31.98
N PRO D 27 28.54 27.84 31.02
CA PRO D 27 29.87 28.10 30.48
C PRO D 27 30.85 28.47 31.60
N GLY D 28 32.11 28.12 31.41
CA GLY D 28 33.13 28.23 32.44
C GLY D 28 32.86 27.28 33.60
N GLU D 29 31.60 26.90 33.76
CA GLU D 29 31.18 26.13 34.91
C GLU D 29 31.33 24.62 34.72
N THR D 30 32.07 23.97 35.61
CA THR D 30 32.16 22.51 35.66
C THR D 30 31.15 21.96 36.65
N VAL D 31 30.33 21.01 36.23
CA VAL D 31 29.40 20.33 37.13
C VAL D 31 29.70 18.84 37.25
N THR D 32 29.41 18.25 38.41
CA THR D 32 29.63 16.81 38.65
C THR D 32 28.36 16.03 38.38
N GLY D 33 28.47 14.93 37.65
CA GLY D 33 27.30 14.10 37.39
C GLY D 33 27.02 13.19 38.57
N ASN D 34 25.97 12.40 38.45
CA ASN D 34 25.62 11.47 39.50
C ASN D 34 25.29 10.10 38.93
N HIS D 35 25.58 9.89 37.65
CA HIS D 35 25.45 8.56 37.06
C HIS D 35 25.92 8.63 35.61
N TYR D 36 26.73 7.66 35.21
CA TYR D 36 27.35 7.67 33.87
C TYR D 36 27.09 6.34 33.20
N GLN D 37 26.77 6.37 31.91
CA GLN D 37 26.49 5.14 31.17
C GLN D 37 26.93 5.37 29.74
N VAL D 38 27.65 4.39 29.18
CA VAL D 38 27.97 4.33 27.76
C VAL D 38 27.10 3.23 27.17
N ALA D 39 26.41 3.53 26.06
CA ALA D 39 25.41 2.62 25.52
C ALA D 39 25.24 2.90 24.03
N PHE D 40 24.76 1.90 23.30
CA PHE D 40 24.52 2.07 21.87
C PHE D 40 23.36 3.04 21.63
N GLY D 41 23.56 3.94 20.70
CA GLY D 41 22.50 4.85 20.31
C GLY D 41 22.61 5.13 18.82
N GLY D 42 22.20 6.33 18.45
CA GLY D 42 22.03 6.64 17.04
C GLY D 42 20.57 6.43 16.65
N LYS D 43 19.95 7.45 16.07
CA LYS D 43 18.53 7.38 15.70
C LYS D 43 18.21 6.25 14.71
N GLY D 44 19.09 6.00 13.75
CA GLY D 44 18.80 4.93 12.81
C GLY D 44 18.80 3.60 13.54
N ALA D 45 19.85 3.38 14.32
CA ALA D 45 20.03 2.11 15.01
C ALA D 45 18.96 1.94 16.09
N ASN D 46 18.64 3.00 16.81
CA ASN D 46 17.56 2.94 17.79
C ASN D 46 16.27 2.54 17.09
N GLN D 47 16.03 3.09 15.91
CA GLN D 47 14.77 2.79 15.24
C GLN D 47 14.81 1.37 14.67
N ALA D 48 16.00 0.91 14.26
CA ALA D 48 16.08 -0.48 13.79
C ALA D 48 15.89 -1.47 14.94
N VAL D 49 16.43 -1.16 16.11
CA VAL D 49 16.27 -2.04 17.26
C VAL D 49 14.83 -2.05 17.71
N ALA D 50 14.18 -0.90 17.69
CA ALA D 50 12.76 -0.89 18.07
C ALA D 50 11.96 -1.76 17.09
N ALA D 51 12.25 -1.64 15.80
CA ALA D 51 11.52 -2.43 14.79
C ALA D 51 11.82 -3.92 14.98
N GLY D 52 13.10 -4.24 15.01
CA GLY D 52 13.53 -5.62 15.19
C GLY D 52 13.02 -6.29 16.45
N ARG D 53 13.23 -5.63 17.58
CA ARG D 53 12.69 -6.20 18.82
C ARG D 53 11.17 -6.24 18.82
N SER D 54 10.48 -5.29 18.19
CA SER D 54 9.03 -5.44 18.16
C SER D 54 8.53 -6.44 17.12
N GLY D 55 9.42 -6.95 16.27
CA GLY D 55 9.01 -8.08 15.44
C GLY D 55 9.02 -7.90 13.94
N ALA D 56 9.50 -6.76 13.47
CA ALA D 56 9.58 -6.52 12.03
C ALA D 56 10.57 -7.47 11.36
N ASN D 57 10.39 -7.68 10.06
CA ASN D 57 11.41 -8.27 9.22
C ASN D 57 12.27 -7.17 8.66
N ILE D 58 13.42 -6.89 9.25
CA ILE D 58 14.10 -5.61 9.04
C ILE D 58 15.57 -5.75 8.70
N ALA D 59 16.05 -4.95 7.78
CA ALA D 59 17.48 -4.93 7.50
C ALA D 59 17.94 -3.49 7.64
N PHE D 60 19.21 -3.27 7.96
CA PHE D 60 19.72 -1.98 8.36
C PHE D 60 20.89 -1.55 7.47
N ILE D 61 20.71 -0.45 6.77
CA ILE D 61 21.81 0.13 6.03
C ILE D 61 22.46 1.26 6.84
N ALA D 62 23.75 1.11 7.15
CA ALA D 62 24.51 2.03 8.00
C ALA D 62 26.03 1.77 7.91
N CYS D 63 26.81 2.63 8.57
CA CYS D 63 28.26 2.53 8.67
C CYS D 63 28.71 2.68 10.12
N THR D 64 29.56 1.77 10.59
CA THR D 64 30.45 2.05 11.71
C THR D 64 31.87 2.31 11.22
N GLY D 65 32.74 2.69 12.16
CA GLY D 65 34.15 2.81 11.87
C GLY D 65 34.81 1.46 12.13
N ASP D 66 36.10 1.36 11.87
CA ASP D 66 36.80 0.09 12.04
C ASP D 66 37.37 0.00 13.45
N ASP D 67 36.70 0.63 14.41
CA ASP D 67 37.16 0.56 15.80
C ASP D 67 36.46 -0.55 16.58
N SER D 68 36.74 -0.61 17.87
CA SER D 68 36.27 -1.74 18.65
C SER D 68 34.80 -1.55 18.94
N ILE D 69 34.47 -0.33 19.30
CA ILE D 69 33.09 -0.01 19.57
C ILE D 69 32.26 -0.41 18.35
N GLY D 70 32.84 -0.28 17.17
CA GLY D 70 32.15 -0.61 15.94
C GLY D 70 31.88 -2.10 15.79
N GLU D 71 32.80 -2.90 16.30
CA GLU D 71 32.62 -4.35 16.27
C GLU D 71 31.58 -4.74 17.31
N SER D 72 31.71 -4.17 18.50
CA SER D 72 30.74 -4.39 19.55
C SER D 72 29.30 -4.13 19.11
N VAL D 73 29.07 -3.03 18.39
CA VAL D 73 27.70 -2.66 18.09
C VAL D 73 27.12 -3.58 17.03
N ARG D 74 27.94 -3.95 16.06
CA ARG D 74 27.49 -4.82 14.98
C ARG D 74 27.13 -6.16 15.57
N GLN D 75 27.95 -6.60 16.53
CA GLN D 75 27.66 -7.82 17.26
C GLN D 75 26.35 -7.68 18.00
N GLN D 76 26.15 -6.58 18.70
CA GLN D 76 24.85 -6.41 19.37
C GLN D 76 23.65 -6.22 18.41
N LEU D 77 23.80 -5.44 17.35
CA LEU D 77 22.64 -5.29 16.45
C LEU D 77 22.14 -6.63 15.97
N ALA D 78 23.06 -7.57 15.77
CA ALA D 78 22.68 -8.87 15.21
C ALA D 78 21.82 -9.70 16.18
N THR D 79 21.90 -9.41 17.47
CA THR D 79 21.08 -10.16 18.41
C THR D 79 19.78 -9.46 18.62
N ASP D 80 19.60 -8.30 18.03
CA ASP D 80 18.30 -7.64 18.08
C ASP D 80 17.32 -7.98 16.94
N ASN D 81 17.48 -9.14 16.30
CA ASN D 81 16.58 -9.55 15.21
C ASN D 81 16.68 -8.58 14.05
N ILE D 82 17.90 -8.13 13.76
CA ILE D 82 18.17 -7.25 12.64
C ILE D 82 19.18 -7.93 11.72
N ASP D 83 18.86 -7.99 10.44
CA ASP D 83 19.81 -8.41 9.44
C ASP D 83 20.81 -7.27 9.29
N ILE D 84 22.06 -7.48 9.70
CA ILE D 84 23.09 -6.44 9.55
C ILE D 84 24.00 -6.60 8.34
N THR D 85 23.67 -7.50 7.41
CA THR D 85 24.45 -7.59 6.17
C THR D 85 24.85 -6.24 5.54
N PRO D 86 23.93 -5.28 5.40
CA PRO D 86 24.24 -3.99 4.76
C PRO D 86 24.86 -2.95 5.70
N VAL D 87 25.31 -3.36 6.88
CA VAL D 87 26.09 -2.43 7.69
C VAL D 87 27.56 -2.42 7.28
N SER D 88 28.04 -1.30 6.74
CA SER D 88 29.42 -1.25 6.29
C SER D 88 30.43 -0.80 7.35
N VAL D 89 31.67 -1.27 7.21
CA VAL D 89 32.76 -0.85 8.08
C VAL D 89 33.75 0.08 7.37
N ILE D 90 33.88 1.31 7.86
CA ILE D 90 34.70 2.29 7.16
C ILE D 90 36.13 2.39 7.67
N LYS D 91 37.08 1.94 6.84
CA LYS D 91 38.48 1.98 7.20
C LYS D 91 38.91 3.38 7.56
N GLY D 92 39.66 3.48 8.66
CA GLY D 92 40.31 4.72 9.04
C GLY D 92 39.38 5.69 9.76
N GLU D 93 38.09 5.41 9.71
CA GLU D 93 37.14 6.27 10.40
C GLU D 93 36.69 5.66 11.72
N SER D 94 36.33 6.53 12.67
CA SER D 94 35.79 6.06 13.92
C SER D 94 34.26 6.04 13.88
N THR D 95 33.68 5.26 14.77
CA THR D 95 32.23 5.21 14.84
C THR D 95 31.67 6.47 15.46
N GLY D 96 30.44 6.78 15.06
CA GLY D 96 29.68 7.87 15.61
C GLY D 96 29.57 7.94 17.12
N VAL D 97 29.58 9.15 17.66
CA VAL D 97 29.57 9.32 19.12
C VAL D 97 28.55 10.37 19.53
N ALA D 98 27.78 10.09 20.57
CA ALA D 98 27.00 11.17 21.18
C ALA D 98 27.44 11.46 22.62
N LEU D 99 27.53 12.75 22.94
CA LEU D 99 27.72 13.23 24.31
C LEU D 99 26.36 13.79 24.75
N ILE D 100 25.83 13.21 25.82
CA ILE D 100 24.48 13.54 26.23
C ILE D 100 24.43 13.97 27.70
N PHE D 101 23.86 15.15 27.99
CA PHE D 101 23.58 15.57 29.35
C PHE D 101 22.08 15.41 29.61
N VAL D 102 21.74 14.88 30.77
CA VAL D 102 20.35 14.76 31.21
C VAL D 102 20.17 15.53 32.51
N ASN D 103 19.27 16.50 32.56
CA ASN D 103 19.08 17.24 33.81
C ASN D 103 18.15 16.61 34.84
N GLY D 104 18.03 17.25 35.99
CA GLY D 104 17.28 16.69 37.10
C GLY D 104 15.81 16.65 36.73
N GLU D 105 15.43 17.54 35.81
CA GLU D 105 14.07 17.64 35.29
C GLU D 105 13.83 16.61 34.17
N GLY D 106 14.89 16.01 33.62
CA GLY D 106 14.71 14.99 32.61
C GLY D 106 14.95 15.44 31.18
N GLU D 107 15.14 16.74 30.98
CA GLU D 107 15.51 17.27 29.67
C GLU D 107 16.93 16.79 29.30
N ASN D 108 17.16 16.60 28.01
CA ASN D 108 18.49 16.30 27.52
C ASN D 108 19.02 17.31 26.50
N VAL D 109 20.34 17.44 26.41
CA VAL D 109 20.95 18.03 25.23
C VAL D 109 21.95 17.05 24.63
N ILE D 110 22.13 17.10 23.30
CA ILE D 110 22.83 16.08 22.56
C ILE D 110 23.77 16.74 21.56
N GLY D 111 25.06 16.47 21.75
CA GLY D 111 26.06 16.85 20.79
C GLY D 111 26.55 15.61 20.06
N ILE D 112 26.68 15.72 18.75
CA ILE D 112 26.96 14.55 17.91
C ILE D 112 28.21 14.74 17.10
N HIS D 113 29.00 13.68 17.05
CA HIS D 113 30.11 13.53 16.08
C HIS D 113 29.66 12.47 15.08
N ALA D 114 29.47 12.89 13.84
CA ALA D 114 28.92 12.02 12.81
C ALA D 114 29.82 10.80 12.54
N GLY D 115 31.13 11.01 12.49
CA GLY D 115 32.06 9.91 12.30
C GLY D 115 31.79 9.14 11.02
N ALA D 116 31.80 7.82 11.13
CA ALA D 116 31.52 6.97 9.98
C ALA D 116 30.14 7.25 9.39
N ASN D 117 29.26 7.88 10.15
CA ASN D 117 27.91 8.08 9.67
C ASN D 117 27.96 9.00 8.45
N ALA D 118 29.01 9.81 8.39
CA ALA D 118 29.08 10.80 7.32
C ALA D 118 29.53 10.10 6.04
N ALA D 119 30.03 8.89 6.20
CA ALA D 119 30.44 8.14 5.04
C ALA D 119 29.29 7.37 4.38
N LEU D 120 28.08 7.39 4.96
CA LEU D 120 26.92 6.75 4.34
C LEU D 120 26.50 7.52 3.08
N SER D 121 27.12 7.21 1.96
CA SER D 121 27.06 8.05 0.77
C SER D 121 26.07 7.55 -0.26
N PRO D 122 25.78 8.39 -1.23
CA PRO D 122 24.94 7.98 -2.36
C PRO D 122 25.48 6.75 -3.06
N ALA D 123 26.78 6.64 -3.25
CA ALA D 123 27.32 5.39 -3.76
C ALA D 123 26.90 4.17 -2.95
N LEU D 124 26.92 4.26 -1.62
CA LEU D 124 26.54 3.09 -0.82
C LEU D 124 25.06 2.78 -0.95
N VAL D 125 24.25 3.81 -1.07
CA VAL D 125 22.83 3.61 -1.22
C VAL D 125 22.60 2.87 -2.55
N GLU D 126 23.33 3.28 -3.58
CA GLU D 126 23.19 2.66 -4.91
C GLU D 126 23.43 1.17 -4.86
N ALA D 127 24.38 0.76 -4.03
CA ALA D 127 24.78 -0.65 -3.92
C ALA D 127 23.70 -1.49 -3.26
N GLN D 128 22.77 -0.80 -2.63
CA GLN D 128 21.65 -1.46 -1.97
C GLN D 128 20.36 -1.30 -2.78
N ARG D 129 20.48 -0.91 -4.06
CA ARG D 129 19.33 -0.71 -4.96
C ARG D 129 18.26 -1.80 -4.89
N GLU D 130 18.69 -3.04 -5.01
CA GLU D 130 17.77 -4.16 -5.16
C GLU D 130 17.02 -4.35 -3.84
N ARG D 131 17.75 -4.12 -2.75
CA ARG D 131 17.18 -4.36 -1.42
C ARG D 131 16.10 -3.31 -1.13
N ILE D 132 16.31 -2.10 -1.65
CA ILE D 132 15.33 -1.08 -1.34
C ILE D 132 14.14 -1.27 -2.27
N ALA D 133 14.43 -1.77 -3.46
CA ALA D 133 13.39 -1.95 -4.48
C ALA D 133 12.46 -3.09 -4.14
N ASN D 134 13.00 -4.12 -3.48
CA ASN D 134 12.19 -5.25 -3.06
C ASN D 134 11.55 -5.06 -1.67
N ALA D 135 11.81 -3.96 -0.99
CA ALA D 135 11.29 -3.82 0.37
C ALA D 135 9.87 -3.28 0.34
N SER D 136 9.12 -3.54 1.40
CA SER D 136 7.81 -2.92 1.55
C SER D 136 7.89 -1.51 2.09
N ALA D 137 8.93 -1.19 2.85
CA ALA D 137 9.03 0.13 3.43
C ALA D 137 10.49 0.46 3.69
N LEU D 138 10.81 1.74 3.48
CA LEU D 138 12.04 2.41 3.88
C LEU D 138 11.80 3.41 5.02
N LEU D 139 12.56 3.28 6.13
CA LEU D 139 12.52 4.22 7.25
C LEU D 139 13.85 4.96 7.39
N MET D 140 13.76 6.28 7.47
CA MET D 140 14.94 7.13 7.56
C MET D 140 14.79 8.29 8.54
N GLN D 141 15.92 8.84 8.98
CA GLN D 141 15.94 10.02 9.82
C GLN D 141 16.90 11.00 9.15
N LEU D 142 17.32 11.99 9.92
CA LEU D 142 18.14 13.03 9.37
C LEU D 142 19.54 13.10 9.98
N GLU D 143 20.01 12.01 10.57
CA GLU D 143 21.39 11.97 11.04
C GLU D 143 22.31 11.37 9.98
N SER D 144 21.81 11.21 8.75
CA SER D 144 22.65 10.75 7.64
C SER D 144 22.69 11.82 6.58
N PRO D 145 23.69 11.83 5.72
CA PRO D 145 23.80 12.89 4.69
C PRO D 145 22.47 13.00 3.93
N LEU D 146 21.93 14.20 3.88
CA LEU D 146 20.61 14.36 3.26
C LEU D 146 20.62 13.84 1.82
N GLU D 147 21.80 13.86 1.21
CA GLU D 147 21.97 13.40 -0.15
C GLU D 147 21.65 11.93 -0.28
N SER D 148 22.08 11.15 0.71
CA SER D 148 21.82 9.72 0.69
C SER D 148 20.36 9.48 1.05
N VAL D 149 19.82 10.26 1.97
CA VAL D 149 18.41 10.16 2.27
C VAL D 149 17.59 10.40 1.01
N MET D 150 18.05 11.34 0.16
CA MET D 150 17.33 11.68 -1.08
C MET D 150 17.46 10.57 -2.11
N ALA D 151 18.68 10.07 -2.29
CA ALA D 151 18.91 9.05 -3.30
C ALA D 151 18.13 7.77 -3.01
N ALA D 152 17.93 7.47 -1.73
CA ALA D 152 17.28 6.22 -1.33
C ALA D 152 15.78 6.37 -1.45
N ALA D 153 15.29 7.56 -1.12
CA ALA D 153 13.87 7.82 -1.22
C ALA D 153 13.46 7.77 -2.69
N LYS D 154 14.33 8.26 -3.56
CA LYS D 154 14.11 8.19 -4.99
C LYS D 154 13.99 6.74 -5.46
N ILE D 155 14.83 5.85 -4.94
CA ILE D 155 14.80 4.48 -5.42
C ILE D 155 13.53 3.82 -4.93
N ALA D 156 13.22 4.05 -3.67
CA ALA D 156 11.97 3.57 -3.08
C ALA D 156 10.78 4.00 -3.92
N HIS D 157 10.75 5.30 -4.24
CA HIS D 157 9.58 5.90 -4.86
C HIS D 157 9.36 5.22 -6.20
N GLN D 158 10.45 5.06 -6.93
CA GLN D 158 10.44 4.35 -8.18
C GLN D 158 9.84 2.95 -8.06
N ASN D 159 9.92 2.30 -6.90
CA ASN D 159 9.57 0.88 -6.85
C ASN D 159 8.43 0.58 -5.88
N LYS D 160 7.62 1.60 -5.60
CA LYS D 160 6.45 1.44 -4.76
C LYS D 160 6.79 0.87 -3.37
N THR D 161 7.94 1.28 -2.84
CA THR D 161 8.36 1.01 -1.48
C THR D 161 7.91 2.21 -0.64
N ILE D 162 7.09 2.02 0.38
CA ILE D 162 6.64 3.13 1.24
C ILE D 162 7.85 3.84 1.81
N VAL D 163 7.86 5.17 1.76
CA VAL D 163 8.90 5.99 2.39
C VAL D 163 8.43 6.65 3.68
N ALA D 164 9.00 6.23 4.81
CA ALA D 164 8.59 6.75 6.11
C ALA D 164 9.74 7.56 6.70
N LEU D 165 9.47 8.81 7.02
CA LEU D 165 10.53 9.74 7.37
C LEU D 165 10.21 10.24 8.76
N ASN D 166 11.24 10.23 9.60
CA ASN D 166 11.19 10.86 10.91
C ASN D 166 12.21 11.98 10.79
N PRO D 167 11.77 13.23 10.60
CA PRO D 167 12.68 14.35 10.32
C PRO D 167 13.27 14.91 11.61
N ALA D 168 14.20 14.15 12.19
CA ALA D 168 14.84 14.49 13.44
C ALA D 168 16.30 14.18 13.22
N PRO D 169 17.20 15.01 13.72
CA PRO D 169 16.91 16.23 14.47
C PRO D 169 16.31 17.29 13.57
N ALA D 170 15.66 18.28 14.14
CA ALA D 170 14.94 19.29 13.36
C ALA D 170 15.80 20.08 12.38
N ARG D 171 15.41 20.08 11.10
CA ARG D 171 15.97 20.99 10.09
C ARG D 171 14.97 21.16 8.95
N GLU D 172 15.29 22.05 8.03
CA GLU D 172 14.42 22.31 6.90
C GLU D 172 14.75 21.28 5.83
N LEU D 173 13.77 20.97 4.98
CA LEU D 173 13.95 19.96 3.94
C LEU D 173 13.44 20.51 2.61
N PRO D 174 14.11 20.16 1.54
CA PRO D 174 13.67 20.58 0.20
C PRO D 174 12.34 19.91 -0.13
N ASP D 175 11.43 20.63 -0.79
CA ASP D 175 10.17 20.04 -1.24
C ASP D 175 10.40 18.81 -2.12
N GLU D 176 11.47 18.80 -2.89
CA GLU D 176 11.83 17.62 -3.65
C GLU D 176 11.74 16.40 -2.74
N LEU D 177 12.37 16.47 -1.57
CA LEU D 177 12.42 15.27 -0.75
C LEU D 177 11.04 15.03 -0.27
N LEU D 178 10.45 16.08 0.27
CA LEU D 178 9.19 16.01 0.96
C LEU D 178 8.11 15.36 0.09
N ALA D 179 8.27 15.49 -1.21
CA ALA D 179 7.28 14.98 -2.13
C ALA D 179 7.39 13.45 -2.27
N LEU D 180 8.57 12.91 -1.98
CA LEU D 180 8.72 11.46 -2.05
C LEU D 180 8.19 10.73 -0.82
N VAL D 181 7.63 11.46 0.13
CA VAL D 181 7.35 10.85 1.41
C VAL D 181 5.89 10.47 1.53
N ASP D 182 5.65 9.30 2.11
CA ASP D 182 4.31 8.77 2.32
C ASP D 182 3.83 8.93 3.78
N ILE D 183 4.77 8.73 4.73
CA ILE D 183 4.53 8.86 6.16
C ILE D 183 5.65 9.70 6.80
N ILE D 184 5.27 10.76 7.50
CA ILE D 184 6.23 11.57 8.23
C ILE D 184 5.79 11.73 9.69
N THR D 185 6.76 11.78 10.61
CA THR D 185 6.48 11.79 12.06
C THR D 185 7.17 12.88 12.91
N PRO D 186 7.06 14.12 12.47
CA PRO D 186 7.45 15.27 13.30
C PRO D 186 6.92 15.27 14.74
N ASN D 187 7.76 15.78 15.63
CA ASN D 187 7.26 16.40 16.84
C ASN D 187 6.95 17.86 16.55
N GLU D 188 6.55 18.59 17.61
CA GLU D 188 6.12 19.98 17.49
C GLU D 188 7.18 20.90 16.91
N THR D 189 8.42 20.76 17.36
CA THR D 189 9.49 21.61 16.86
C THR D 189 9.67 21.42 15.34
N GLU D 190 9.82 20.16 14.98
CA GLU D 190 10.05 19.80 13.58
C GLU D 190 8.83 20.22 12.77
N ALA D 191 7.64 20.11 13.34
CA ALA D 191 6.44 20.49 12.58
C ALA D 191 6.51 21.96 12.21
N GLU D 192 7.17 22.74 13.05
CA GLU D 192 7.15 24.18 12.90
C GLU D 192 8.24 24.56 11.89
N LYS D 193 9.41 23.95 12.08
CA LYS D 193 10.53 24.20 11.18
C LYS D 193 10.13 23.83 9.77
N LEU D 194 9.22 22.86 9.63
CA LEU D 194 8.80 22.41 8.30
C LEU D 194 7.66 23.21 7.70
N THR D 195 6.78 23.74 8.54
CA THR D 195 5.58 24.33 7.99
C THR D 195 5.48 25.79 8.39
N GLY D 196 6.41 26.23 9.24
CA GLY D 196 6.32 27.56 9.80
C GLY D 196 5.22 27.68 10.83
N ILE D 197 4.40 26.65 10.97
CA ILE D 197 3.24 26.70 11.86
C ILE D 197 3.53 26.21 13.28
N ARG D 198 3.28 27.06 14.27
CA ARG D 198 3.59 26.69 15.64
C ARG D 198 2.48 25.81 16.22
N VAL D 199 2.83 24.60 16.61
CA VAL D 199 1.80 23.69 17.07
C VAL D 199 1.66 23.70 18.58
N GLU D 200 0.55 24.31 19.03
CA GLU D 200 0.28 24.50 20.43
C GLU D 200 -0.98 23.72 20.80
N ASN D 201 -1.77 23.35 19.80
CA ASN D 201 -3.00 22.61 20.06
C ASN D 201 -3.52 21.84 18.85
N ASP D 202 -4.64 21.16 19.08
CA ASP D 202 -5.29 20.38 18.03
C ASP D 202 -5.39 21.13 16.73
N GLU D 203 -5.94 22.33 16.82
CA GLU D 203 -6.17 23.17 15.66
C GLU D 203 -4.86 23.47 14.95
N ASP D 204 -3.79 23.66 15.72
CA ASP D 204 -2.54 24.10 15.10
C ASP D 204 -2.03 22.89 14.34
N ALA D 205 -2.24 21.73 14.93
CA ALA D 205 -1.68 20.49 14.40
C ALA D 205 -2.27 20.29 13.01
N ALA D 206 -3.60 20.27 12.93
CA ALA D 206 -4.27 20.06 11.66
C ALA D 206 -3.73 21.06 10.65
N LYS D 207 -3.59 22.31 11.09
CA LYS D 207 -3.01 23.33 10.24
C LYS D 207 -1.65 22.83 9.80
N ALA D 208 -0.91 22.22 10.72
CA ALA D 208 0.47 21.88 10.41
C ALA D 208 0.39 20.76 9.42
N ALA D 209 -0.45 19.78 9.74
CA ALA D 209 -0.63 18.61 8.89
C ALA D 209 -0.96 19.00 7.44
N GLN D 210 -1.98 19.85 7.29
CA GLN D 210 -2.48 20.18 5.96
C GLN D 210 -1.42 20.78 5.05
N VAL D 211 -0.49 21.51 5.65
CA VAL D 211 0.59 22.09 4.88
C VAL D 211 1.44 20.97 4.28
N LEU D 212 1.73 19.96 5.10
CA LEU D 212 2.65 18.89 4.66
C LEU D 212 1.89 18.05 3.66
N HIS D 213 0.61 17.84 3.93
CA HIS D 213 -0.28 17.17 2.98
C HIS D 213 -0.12 17.85 1.64
N GLU D 214 0.15 19.15 1.62
CA GLU D 214 0.23 19.87 0.35
C GLU D 214 1.51 19.54 -0.40
N LYS D 215 2.55 19.23 0.36
CA LYS D 215 3.85 19.01 -0.23
C LYS D 215 3.97 17.65 -0.90
N GLY D 216 3.04 16.74 -0.61
CA GLY D 216 3.11 15.38 -1.15
C GLY D 216 2.75 14.26 -0.19
N ILE D 217 2.71 14.55 1.10
CA ILE D 217 2.58 13.54 2.14
C ILE D 217 1.20 13.21 2.61
N ARG D 218 0.80 11.97 2.36
CA ARG D 218 -0.55 11.52 2.61
C ARG D 218 -0.82 11.26 4.10
N THR D 219 0.20 10.73 4.77
CA THR D 219 0.05 10.42 6.18
C THR D 219 0.99 11.28 7.03
N VAL D 220 0.41 11.97 7.99
CA VAL D 220 1.15 12.85 8.88
C VAL D 220 0.78 12.58 10.31
N LEU D 221 1.79 12.28 11.12
CA LEU D 221 1.55 12.11 12.54
C LEU D 221 2.42 13.14 13.26
N ILE D 222 1.76 14.02 13.99
CA ILE D 222 2.52 14.97 14.77
C ILE D 222 2.42 14.59 16.22
N THR D 223 3.59 14.25 16.77
CA THR D 223 3.69 13.89 18.17
C THR D 223 3.46 15.14 19.03
N LEU D 224 2.72 14.93 20.11
CA LEU D 224 2.37 15.98 21.06
C LEU D 224 2.89 15.71 22.48
N GLY D 225 3.81 14.78 22.63
CA GLY D 225 4.20 14.36 23.96
C GLY D 225 2.94 13.98 24.73
N SER D 226 2.66 14.72 25.80
CA SER D 226 1.56 14.40 26.72
C SER D 226 0.23 14.10 26.01
N ARG D 227 -0.13 14.94 25.05
CA ARG D 227 -1.39 14.75 24.35
C ARG D 227 -1.45 13.59 23.35
N GLY D 228 -0.47 12.68 23.35
CA GLY D 228 -0.45 11.65 22.32
C GLY D 228 0.10 12.20 21.01
N VAL D 229 -0.60 11.98 19.90
CA VAL D 229 -0.12 12.46 18.61
C VAL D 229 -1.32 12.90 17.78
N TRP D 230 -1.09 13.74 16.78
CA TRP D 230 -2.19 14.11 15.89
C TRP D 230 -2.10 13.32 14.60
N ALA D 231 -3.03 12.40 14.41
CA ALA D 231 -2.99 11.45 13.29
C ALA D 231 -3.76 12.02 12.09
N SER D 232 -3.05 12.36 11.04
CA SER D 232 -3.75 12.90 9.89
C SER D 232 -3.34 12.27 8.56
N VAL D 233 -4.32 11.69 7.88
CA VAL D 233 -4.10 11.20 6.52
C VAL D 233 -5.03 11.91 5.56
N ASN D 234 -4.41 12.65 4.62
CA ASN D 234 -5.17 13.35 3.60
C ASN D 234 -5.96 14.57 4.08
N GLY D 235 -5.98 14.83 5.38
CA GLY D 235 -6.74 15.95 5.94
C GLY D 235 -7.78 15.51 6.97
N GLU D 236 -7.92 14.21 7.16
CA GLU D 236 -8.84 13.69 8.16
C GLU D 236 -8.09 13.45 9.48
N GLY D 237 -8.20 14.39 10.41
CA GLY D 237 -7.40 14.32 11.62
C GLY D 237 -8.16 13.89 12.87
N GLN D 238 -7.42 13.36 13.81
CA GLN D 238 -7.92 13.02 15.14
C GLN D 238 -6.74 12.75 16.06
N ARG D 239 -6.88 13.12 17.34
CA ARG D 239 -5.84 12.88 18.32
C ARG D 239 -5.87 11.43 18.78
N VAL D 240 -4.71 10.79 18.85
CA VAL D 240 -4.62 9.45 19.46
C VAL D 240 -3.86 9.54 20.77
N PRO D 241 -4.57 9.43 21.88
CA PRO D 241 -3.95 9.61 23.18
C PRO D 241 -2.90 8.53 23.43
N GLY D 242 -1.81 8.93 24.09
CA GLY D 242 -0.80 8.02 24.59
C GLY D 242 -1.21 7.37 25.91
N PHE D 243 -0.22 6.83 26.62
CA PHE D 243 -0.51 6.16 27.87
C PHE D 243 -0.04 6.94 29.07
N ARG D 244 -0.85 6.95 30.11
CA ARG D 244 -0.48 7.57 31.37
C ARG D 244 0.59 6.71 32.01
N VAL D 245 1.72 7.33 32.34
CA VAL D 245 2.89 6.58 32.80
C VAL D 245 4.01 7.58 33.08
N GLN D 246 4.47 7.57 34.33
CA GLN D 246 5.53 8.48 34.75
C GLN D 246 6.89 8.04 34.26
N ALA D 247 7.55 8.91 33.50
CA ALA D 247 8.80 8.56 32.83
C ALA D 247 10.01 8.80 33.71
N VAL D 248 11.12 8.17 33.36
CA VAL D 248 12.38 8.42 34.04
C VAL D 248 13.41 9.01 33.06
N ASP D 249 13.41 8.48 31.84
CA ASP D 249 14.41 8.82 30.83
C ASP D 249 13.73 8.81 29.45
N THR D 250 13.69 9.96 28.80
CA THR D 250 12.90 10.09 27.58
C THR D 250 13.66 9.82 26.29
N ILE D 251 14.98 9.75 26.36
CA ILE D 251 15.75 9.58 25.14
C ILE D 251 15.32 8.32 24.38
N ALA D 252 15.36 8.43 23.06
CA ALA D 252 14.95 7.35 22.17
C ALA D 252 13.45 7.03 22.23
N ALA D 253 12.68 7.89 22.89
CA ALA D 253 11.24 7.63 22.97
C ALA D 253 10.61 7.74 21.59
N GLY D 254 11.02 8.75 20.85
CA GLY D 254 10.54 8.91 19.50
C GLY D 254 11.05 7.75 18.67
N ASP D 255 12.36 7.50 18.75
CA ASP D 255 12.91 6.41 17.98
C ASP D 255 12.07 5.17 18.21
N THR D 256 11.71 4.90 19.46
CA THR D 256 10.91 3.73 19.77
C THR D 256 9.55 3.82 19.09
N PHE D 257 8.91 4.98 19.18
CA PHE D 257 7.59 5.13 18.57
C PHE D 257 7.73 4.79 17.07
N ASN D 258 8.74 5.33 16.43
CA ASN D 258 8.86 5.16 15.00
C ASN D 258 9.13 3.73 14.55
N GLY D 259 9.99 3.05 15.29
CA GLY D 259 10.28 1.66 15.02
C GLY D 259 9.06 0.77 15.17
N ALA D 260 8.34 0.96 16.26
CA ALA D 260 7.27 0.04 16.54
C ALA D 260 6.06 0.36 15.68
N LEU D 261 5.94 1.63 15.28
CA LEU D 261 4.88 2.07 14.40
C LEU D 261 4.94 1.37 13.04
N ILE D 262 6.11 1.42 12.40
CA ILE D 262 6.32 0.76 11.12
C ILE D 262 6.16 -0.74 11.21
N THR D 263 6.52 -1.34 12.34
CA THR D 263 6.37 -2.79 12.46
C THR D 263 4.88 -3.08 12.35
N ALA D 264 4.14 -2.39 13.20
CA ALA D 264 2.73 -2.60 13.32
C ALA D 264 2.01 -2.30 12.00
N LEU D 265 2.38 -1.21 11.34
CA LEU D 265 1.87 -0.96 9.99
C LEU D 265 2.20 -2.04 8.96
N LEU D 266 3.37 -2.65 9.06
CA LEU D 266 3.68 -3.68 8.08
C LEU D 266 2.86 -4.94 8.33
N GLU D 267 2.31 -5.09 9.54
CA GLU D 267 1.49 -6.26 9.84
C GLU D 267 0.05 -5.97 9.47
N GLU D 268 -0.17 -4.80 8.85
CA GLU D 268 -1.46 -4.42 8.31
C GLU D 268 -2.42 -3.98 9.40
N LYS D 269 -1.90 -3.43 10.49
CA LYS D 269 -2.80 -2.98 11.54
C LYS D 269 -3.23 -1.59 11.12
N PRO D 270 -4.50 -1.26 11.27
CA PRO D 270 -4.98 0.06 10.83
C PRO D 270 -4.33 1.16 11.68
N LEU D 271 -4.09 2.31 11.07
CA LEU D 271 -3.24 3.34 11.65
C LEU D 271 -3.46 3.63 13.14
N PRO D 272 -4.71 3.70 13.55
CA PRO D 272 -5.03 3.91 14.98
C PRO D 272 -4.51 2.78 15.88
N GLU D 273 -4.80 1.55 15.53
CA GLU D 273 -4.26 0.47 16.33
C GLU D 273 -2.71 0.58 16.33
N ALA D 274 -2.14 0.87 15.17
CA ALA D 274 -0.72 0.89 15.01
C ALA D 274 -0.13 1.96 15.94
N ILE D 275 -0.77 3.11 16.01
CA ILE D 275 -0.24 4.07 16.95
C ILE D 275 -0.41 3.62 18.41
N ARG D 276 -1.51 2.95 18.72
CA ARG D 276 -1.68 2.47 20.09
C ARG D 276 -0.52 1.54 20.42
N PHE D 277 -0.24 0.62 19.51
CA PHE D 277 0.87 -0.30 19.69
C PHE D 277 2.17 0.47 19.88
N ALA D 278 2.34 1.53 19.12
CA ALA D 278 3.61 2.22 19.16
C ALA D 278 3.72 3.09 20.42
N HIS D 279 2.59 3.63 20.89
CA HIS D 279 2.56 4.37 22.15
C HIS D 279 2.95 3.41 23.28
N ALA D 280 2.48 2.17 23.26
CA ALA D 280 2.81 1.27 24.37
C ALA D 280 4.30 0.98 24.47
N ALA D 281 4.93 0.75 23.31
CA ALA D 281 6.36 0.51 23.27
C ALA D 281 7.08 1.72 23.86
N ALA D 282 6.74 2.91 23.39
CA ALA D 282 7.46 4.08 23.86
C ALA D 282 7.18 4.26 25.38
N ALA D 283 6.00 3.86 25.84
CA ALA D 283 5.69 3.97 27.26
C ALA D 283 6.58 3.06 28.10
N ILE D 284 6.80 1.86 27.61
CA ILE D 284 7.74 1.03 28.32
C ILE D 284 9.09 1.70 28.29
N ALA D 285 9.41 2.34 27.17
CA ALA D 285 10.78 2.85 26.99
C ALA D 285 11.10 3.99 27.92
N VAL D 286 10.11 4.81 28.22
CA VAL D 286 10.35 5.93 29.11
C VAL D 286 10.58 5.53 30.58
N THR D 287 10.34 4.26 30.92
CA THR D 287 10.62 3.81 32.27
C THR D 287 12.00 3.16 32.43
N ARG D 288 12.77 3.16 31.35
CA ARG D 288 14.06 2.48 31.30
C ARG D 288 15.21 3.44 30.96
N LYS D 289 16.42 3.09 31.41
CA LYS D 289 17.57 3.95 31.20
C LYS D 289 18.22 3.62 29.87
N GLY D 290 18.90 4.58 29.26
CA GLY D 290 19.59 4.35 28.00
C GLY D 290 18.72 4.49 26.75
N ALA D 291 19.36 4.40 25.58
CA ALA D 291 18.63 4.38 24.30
C ALA D 291 18.32 2.94 23.94
N GLN D 292 19.26 2.24 23.32
CA GLN D 292 18.96 0.86 22.93
C GLN D 292 18.56 -0.05 24.06
N PRO D 293 19.19 0.09 25.23
CA PRO D 293 18.84 -0.76 26.37
C PRO D 293 17.39 -0.57 26.76
N SER D 294 16.80 0.60 26.51
CA SER D 294 15.41 0.82 26.91
C SER D 294 14.33 0.25 25.97
N VAL D 295 14.68 -0.05 24.71
CA VAL D 295 13.69 -0.48 23.71
C VAL D 295 13.09 -1.82 24.11
N PRO D 296 11.77 -1.89 24.24
CA PRO D 296 11.08 -3.10 24.71
C PRO D 296 10.91 -4.17 23.62
N TRP D 297 10.69 -5.40 24.04
CA TRP D 297 10.48 -6.54 23.16
C TRP D 297 9.00 -6.81 22.95
N ARG D 298 8.68 -7.49 21.84
CA ARG D 298 7.32 -7.74 21.43
C ARG D 298 6.49 -8.36 22.56
N GLU D 299 7.04 -9.36 23.24
CA GLU D 299 6.28 -10.03 24.27
C GLU D 299 5.89 -9.02 25.33
N GLU D 300 6.76 -8.05 25.60
CA GLU D 300 6.47 -7.04 26.62
C GLU D 300 5.36 -6.09 26.17
N ILE D 301 5.52 -5.51 24.99
CA ILE D 301 4.55 -4.57 24.45
C ILE D 301 3.15 -5.19 24.53
N ASP D 302 3.02 -6.41 24.05
CA ASP D 302 1.71 -7.05 24.06
C ASP D 302 1.28 -7.28 25.50
N ALA D 303 2.21 -7.68 26.37
CA ALA D 303 1.84 -7.83 27.77
C ALA D 303 1.27 -6.51 28.23
N PHE D 304 1.99 -5.41 27.98
CA PHE D 304 1.55 -4.08 28.36
C PHE D 304 0.12 -3.81 27.93
N LEU D 305 -0.13 -3.94 26.62
CA LEU D 305 -1.45 -3.69 26.08
C LEU D 305 -2.53 -4.51 26.80
N ASP D 306 -2.23 -5.77 27.07
CA ASP D 306 -3.19 -6.64 27.74
C ASP D 306 -3.46 -6.18 29.17
N ARG D 307 -2.44 -5.68 29.86
CA ARG D 307 -2.65 -5.20 31.22
C ARG D 307 -3.56 -3.97 31.25
N GLN D 308 -3.59 -3.22 30.15
CA GLN D 308 -4.31 -1.95 30.12
C GLN D 308 -5.83 -2.09 30.18
#